data_3UC0
#
_entry.id   3UC0
#
_cell.length_a   78.937
_cell.length_b   113.864
_cell.length_c   169.583
_cell.angle_alpha   90.000
_cell.angle_beta   90.000
_cell.angle_gamma   90.000
#
_symmetry.space_group_name_H-M   'P 21 21 21'
#
loop_
_entity.id
_entity.type
_entity.pdbx_description
1 polymer 'envelope protein'
2 polymer 'Heavy chain, monoclonal antibody 5H2'
3 polymer 'Light chain, monoclonal antibody 5H2'
4 non-polymer GLYCEROL
5 non-polymer 'SULFATE ION'
6 water water
#
loop_
_entity_poly.entity_id
_entity_poly.type
_entity_poly.pdbx_seq_one_letter_code
_entity_poly.pdbx_strand_id
1 'polypeptide(L)'
;MRCVGVGNRDFVEGVSGGAWVDLVLEHGGCVTTMAQGKPTLDFELTKTTAGGLEYTVVVTVHNGDTHAVGNDTSNHGVTA
MITPRSPSVEVKLPDYGELTLDCEPRSGTGHLKCKVRMEKLRIKGMSPFEDDDDKAGWSHPQFEKGGGSGGGSGGGSWSH
PQFEK
;
A,B
2 'polypeptide(L)'
;EVQLLESGPGLVKPSETLSLTCTVSGGSISDFYWSWLRQSPGKGLEWIGYAHSRVSAYYNPSLKSRVTISVDTSKNQISL
RLSAVTAADTALYYCARQGTGTTGVSEDSFDLWGQGTKVIVSLASTKGPSVFPLAPSSKSTSGGTAALGCLVKDYFPEPV
TVSWNSGALTSGVHTFPAVLQSSGLYSLSSVVTVPSSSLGTQTYICNVDHKPSNTKVDKKVEPKSCDTTSHHHHHH
;
H,I
3 'polypeptide(L)'
;AELQMTQSPSSLSASVGDRVTITCRASQDISIRLNWYQQKPGKAPKLLIYDASTLESGVPSRFSGSGSGTDFTLTISSLQ
PEDFATYYCQQFNSYPLTFGGGTKVEIKRTVAAPSVFIFPPSDEQLKSGTASVACLLNNFYPREAKVQWKVDNALQSGNS
QESVTEQDSKDNTYSLSSTLTLSKADYEKHKVYACEVTHQGLSSPVTKSFNRGEC
;
L,M
#
loop_
_chem_comp.id
_chem_comp.type
_chem_comp.name
_chem_comp.formula
GOL non-polymer GLYCEROL 'C3 H8 O3'
SO4 non-polymer 'SULFATE ION' 'O4 S -2'
#
# COMPACT_ATOMS: atom_id res chain seq x y z
N MET A 1 11.27 -0.95 34.14
CA MET A 1 11.90 -2.19 34.58
C MET A 1 13.09 -2.57 33.67
N ARG A 2 14.26 -2.81 34.29
CA ARG A 2 15.47 -3.20 33.58
C ARG A 2 15.47 -4.70 33.28
N CYS A 3 15.79 -5.07 32.03
CA CYS A 3 15.79 -6.46 31.56
C CYS A 3 17.18 -7.06 31.49
N VAL A 4 17.28 -8.38 31.72
CA VAL A 4 18.53 -9.14 31.64
C VAL A 4 18.74 -9.52 30.17
N GLY A 5 19.86 -9.09 29.62
CA GLY A 5 20.21 -9.32 28.22
C GLY A 5 20.77 -10.70 27.91
N VAL A 6 20.15 -11.39 26.94
CA VAL A 6 20.55 -12.72 26.47
C VAL A 6 20.73 -12.65 24.94
N GLY A 7 21.92 -13.02 24.46
CA GLY A 7 22.26 -13.00 23.05
C GLY A 7 22.99 -11.74 22.60
N ASN A 8 23.44 -11.74 21.35
CA ASN A 8 24.18 -10.62 20.75
C ASN A 8 23.70 -10.36 19.32
N ARG A 9 23.63 -9.08 18.93
CA ARG A 9 23.18 -8.62 17.61
C ARG A 9 24.12 -9.02 16.46
N ASP A 10 25.42 -9.25 16.77
CA ASP A 10 26.44 -9.63 15.78
C ASP A 10 26.60 -11.16 15.64
N PHE A 11 25.87 -11.94 16.47
CA PHE A 11 25.91 -13.41 16.50
C PHE A 11 24.58 -14.07 16.13
N VAL A 12 24.64 -15.21 15.41
CA VAL A 12 23.49 -16.00 14.98
C VAL A 12 23.30 -17.29 15.84
N GLU A 13 24.25 -17.58 16.76
CA GLU A 13 24.23 -18.75 17.63
C GLU A 13 23.03 -18.80 18.58
N GLY A 14 22.33 -19.93 18.55
CA GLY A 14 21.16 -20.19 19.37
C GLY A 14 19.82 -19.89 18.73
N VAL A 15 19.83 -19.26 17.53
CA VAL A 15 18.60 -18.85 16.82
C VAL A 15 18.51 -19.50 15.40
N SER A 16 19.61 -20.13 14.95
CA SER A 16 19.67 -20.79 13.65
C SER A 16 20.16 -22.25 13.75
N GLY A 17 19.73 -23.07 12.79
CA GLY A 17 20.11 -24.47 12.65
C GLY A 17 19.76 -25.37 13.81
N GLY A 18 18.46 -25.53 14.08
CA GLY A 18 17.93 -26.37 15.13
C GLY A 18 18.35 -26.06 16.55
N ALA A 19 18.91 -24.86 16.78
CA ALA A 19 19.37 -24.41 18.09
C ALA A 19 18.30 -23.58 18.82
N TRP A 20 18.37 -23.52 20.16
CA TRP A 20 17.42 -22.78 20.98
C TRP A 20 18.10 -21.89 22.03
N VAL A 21 17.33 -20.96 22.62
CA VAL A 21 17.80 -20.03 23.65
C VAL A 21 17.12 -20.40 24.98
N ASP A 22 17.93 -20.71 26.01
CA ASP A 22 17.42 -21.07 27.33
C ASP A 22 17.26 -19.83 28.21
N LEU A 23 16.01 -19.56 28.65
CA LEU A 23 15.69 -18.40 29.47
C LEU A 23 15.06 -18.79 30.80
N VAL A 24 15.34 -18.00 31.84
CA VAL A 24 14.78 -18.17 33.19
C VAL A 24 13.92 -16.93 33.45
N LEU A 25 12.59 -17.08 33.34
CA LEU A 25 11.63 -15.99 33.51
C LEU A 25 11.23 -15.81 34.97
N GLU A 26 11.75 -14.75 35.62
CA GLU A 26 11.48 -14.44 37.02
C GLU A 26 10.20 -13.62 37.16
N HIS A 27 9.40 -13.88 38.22
CA HIS A 27 8.17 -13.14 38.48
C HIS A 27 8.56 -11.75 39.01
N GLY A 28 8.17 -10.72 38.27
CA GLY A 28 8.52 -9.34 38.56
C GLY A 28 9.86 -8.96 37.94
N GLY A 29 10.25 -9.74 36.94
CA GLY A 29 11.50 -9.57 36.18
C GLY A 29 11.28 -9.58 34.69
N CYS A 30 12.32 -9.18 33.93
CA CYS A 30 12.26 -9.10 32.48
C CYS A 30 13.53 -9.64 31.82
N VAL A 31 13.39 -10.25 30.62
CA VAL A 31 14.49 -10.81 29.83
C VAL A 31 14.42 -10.29 28.38
N THR A 32 15.56 -9.81 27.84
CA THR A 32 15.67 -9.29 26.47
C THR A 32 16.56 -10.17 25.59
N THR A 33 16.02 -10.65 24.45
CA THR A 33 16.75 -11.49 23.49
C THR A 33 17.20 -10.70 22.28
N MET A 34 18.45 -10.93 21.82
CA MET A 34 19.07 -10.27 20.67
C MET A 34 19.74 -11.31 19.77
N ALA A 35 19.61 -11.14 18.43
CA ALA A 35 20.19 -12.04 17.42
C ALA A 35 20.33 -11.37 16.05
N GLN A 36 21.29 -11.85 15.23
CA GLN A 36 21.56 -11.38 13.87
C GLN A 36 20.40 -11.73 12.94
N GLY A 37 19.80 -10.70 12.31
CA GLY A 37 18.68 -10.84 11.40
C GLY A 37 17.38 -11.25 12.06
N LYS A 38 17.23 -10.89 13.35
CA LYS A 38 16.05 -11.22 14.17
C LYS A 38 15.61 -10.02 15.00
N PRO A 39 14.28 -9.81 15.22
CA PRO A 39 13.85 -8.67 16.03
C PRO A 39 14.14 -8.86 17.51
N THR A 40 14.48 -7.76 18.20
CA THR A 40 14.76 -7.76 19.65
C THR A 40 13.44 -7.95 20.40
N LEU A 41 13.42 -8.91 21.34
CA LEU A 41 12.21 -9.24 22.10
C LEU A 41 12.31 -9.02 23.60
N ASP A 42 11.15 -8.85 24.26
CA ASP A 42 11.01 -8.70 25.71
C ASP A 42 10.12 -9.82 26.23
N PHE A 43 10.70 -10.70 27.06
CA PHE A 43 10.00 -11.82 27.68
C PHE A 43 9.76 -11.51 29.16
N GLU A 44 8.50 -11.63 29.61
CA GLU A 44 8.12 -11.32 30.99
C GLU A 44 7.05 -12.28 31.51
N LEU A 45 7.27 -12.82 32.73
CA LEU A 45 6.33 -13.70 33.41
C LEU A 45 5.39 -12.80 34.23
N THR A 46 4.22 -12.49 33.64
CA THR A 46 3.21 -11.60 34.19
C THR A 46 2.46 -12.18 35.40
N LYS A 47 1.82 -13.35 35.23
CA LYS A 47 1.02 -13.98 36.30
C LYS A 47 1.32 -15.46 36.47
N THR A 48 1.28 -15.94 37.72
CA THR A 48 1.47 -17.33 38.12
C THR A 48 0.40 -17.68 39.14
N THR A 49 -0.44 -18.67 38.82
CA THR A 49 -1.51 -19.15 39.71
C THR A 49 -0.92 -20.11 40.76
N ALA A 50 -1.66 -20.37 41.85
CA ALA A 50 -1.22 -21.29 42.91
C ALA A 50 -1.21 -22.72 42.37
N GLY A 51 0.00 -23.28 42.25
CA GLY A 51 0.22 -24.61 41.70
C GLY A 51 1.68 -24.93 41.42
N GLY A 52 2.30 -24.30 40.41
CA GLY A 52 1.74 -23.33 39.49
C GLY A 52 1.03 -23.96 38.32
N LEU A 53 -0.30 -23.82 38.27
CA LEU A 53 -1.15 -24.42 37.23
C LEU A 53 -1.23 -23.61 35.94
N GLU A 54 -0.99 -22.28 36.01
CA GLU A 54 -1.02 -21.37 34.85
C GLU A 54 0.10 -20.35 34.92
N TYR A 55 0.89 -20.24 33.84
CA TYR A 55 1.99 -19.28 33.69
C TYR A 55 1.68 -18.34 32.53
N THR A 56 1.63 -17.03 32.81
CA THR A 56 1.34 -16.00 31.81
C THR A 56 2.64 -15.36 31.32
N VAL A 57 2.98 -15.58 30.05
CA VAL A 57 4.18 -15.04 29.42
C VAL A 57 3.78 -14.02 28.34
N VAL A 58 4.31 -12.80 28.44
CA VAL A 58 4.05 -11.72 27.49
C VAL A 58 5.30 -11.44 26.66
N VAL A 59 5.18 -11.62 25.32
CA VAL A 59 6.27 -11.40 24.36
C VAL A 59 6.03 -10.05 23.67
N THR A 60 6.98 -9.12 23.80
CA THR A 60 6.89 -7.78 23.21
C THR A 60 8.07 -7.53 22.27
N VAL A 61 7.77 -7.01 21.06
CA VAL A 61 8.78 -6.71 20.03
C VAL A 61 9.27 -5.26 20.18
N HIS A 62 10.60 -5.06 20.12
CA HIS A 62 11.24 -3.74 20.19
C HIS A 62 11.01 -2.98 18.89
N GLY A 77 1.97 -6.26 23.69
CA GLY A 77 2.58 -7.57 23.50
C GLY A 77 1.59 -8.71 23.26
N VAL A 78 2.13 -9.90 22.94
CA VAL A 78 1.35 -11.12 22.69
C VAL A 78 1.45 -12.00 23.94
N THR A 79 0.29 -12.44 24.45
CA THR A 79 0.18 -13.26 25.66
C THR A 79 0.12 -14.76 25.36
N ALA A 80 1.00 -15.54 26.02
CA ALA A 80 1.08 -16.99 25.90
C ALA A 80 0.87 -17.64 27.29
N MET A 81 0.07 -18.70 27.32
CA MET A 81 -0.26 -19.44 28.56
C MET A 81 0.50 -20.75 28.60
N ILE A 82 1.25 -20.97 29.69
CA ILE A 82 2.04 -22.20 29.92
C ILE A 82 1.42 -22.93 31.10
N THR A 83 0.95 -24.17 30.87
CA THR A 83 0.33 -25.01 31.91
C THR A 83 1.11 -26.32 32.03
N PRO A 84 1.08 -27.06 33.16
CA PRO A 84 1.80 -28.34 33.22
C PRO A 84 1.37 -29.35 32.16
N ARG A 85 0.07 -29.34 31.77
CA ARG A 85 -0.51 -30.22 30.74
C ARG A 85 0.01 -29.85 29.36
N SER A 86 0.05 -28.53 29.07
CA SER A 86 0.53 -28.01 27.80
C SER A 86 1.75 -27.10 28.04
N PRO A 87 2.97 -27.67 28.17
CA PRO A 87 4.14 -26.83 28.46
C PRO A 87 4.77 -26.16 27.23
N SER A 88 4.48 -26.66 26.03
CA SER A 88 5.02 -26.12 24.77
C SER A 88 3.92 -25.44 23.96
N VAL A 89 4.24 -24.30 23.32
CA VAL A 89 3.32 -23.52 22.49
C VAL A 89 4.02 -22.72 21.38
N GLU A 90 3.40 -22.69 20.18
CA GLU A 90 3.88 -21.92 19.05
C GLU A 90 3.21 -20.55 19.14
N VAL A 91 4.02 -19.49 19.30
CA VAL A 91 3.51 -18.13 19.47
C VAL A 91 3.67 -17.34 18.17
N LYS A 92 2.55 -16.85 17.62
CA LYS A 92 2.51 -16.04 16.40
C LYS A 92 2.68 -14.57 16.77
N LEU A 93 3.70 -13.92 16.19
CA LEU A 93 3.95 -12.49 16.36
C LEU A 93 3.70 -11.86 14.99
N PRO A 94 2.47 -11.37 14.72
CA PRO A 94 2.17 -10.81 13.39
C PRO A 94 3.19 -9.82 12.85
N ASP A 95 3.60 -10.04 11.58
CA ASP A 95 4.62 -9.30 10.80
C ASP A 95 6.06 -9.70 11.17
N TYR A 96 6.23 -10.49 12.23
CA TYR A 96 7.53 -10.93 12.74
C TYR A 96 7.75 -12.45 12.67
N GLY A 97 6.72 -13.19 12.27
CA GLY A 97 6.79 -14.64 12.15
C GLY A 97 6.28 -15.40 13.35
N GLU A 98 7.06 -16.41 13.79
CA GLU A 98 6.72 -17.29 14.91
C GLU A 98 7.92 -17.66 15.78
N LEU A 99 7.62 -18.13 17.01
CA LEU A 99 8.58 -18.66 17.97
C LEU A 99 7.93 -19.78 18.80
N THR A 100 8.74 -20.72 19.32
CA THR A 100 8.23 -21.83 20.13
C THR A 100 8.74 -21.71 21.57
N LEU A 101 7.82 -21.72 22.53
CA LEU A 101 8.13 -21.66 23.97
C LEU A 101 8.02 -23.07 24.55
N ASP A 102 9.14 -23.81 24.59
CA ASP A 102 9.18 -25.16 25.14
C ASP A 102 9.61 -25.03 26.62
N CYS A 103 8.64 -24.71 27.48
CA CYS A 103 8.87 -24.47 28.91
C CYS A 103 8.87 -25.70 29.80
N GLU A 104 9.52 -25.57 30.98
CA GLU A 104 9.65 -26.62 31.99
C GLU A 104 8.97 -26.15 33.30
N PRO A 105 7.63 -26.31 33.43
CA PRO A 105 6.95 -25.86 34.66
C PRO A 105 7.20 -26.80 35.83
N ARG A 106 7.81 -26.28 36.91
CA ARG A 106 8.17 -27.04 38.12
C ARG A 106 7.64 -26.35 39.39
N SER A 107 6.31 -26.06 39.40
CA SER A 107 5.57 -25.40 40.49
C SER A 107 6.01 -23.96 40.82
N GLY A 108 5.33 -23.35 41.79
CA GLY A 108 5.58 -21.99 42.25
C GLY A 108 6.93 -21.75 42.90
N THR A 109 7.99 -21.73 42.08
CA THR A 109 9.37 -21.48 42.53
C THR A 109 9.71 -19.99 42.37
N GLY A 110 8.80 -19.26 41.71
CA GLY A 110 8.93 -17.84 41.43
C GLY A 110 9.48 -17.56 40.04
N HIS A 111 9.88 -18.62 39.32
CA HIS A 111 10.45 -18.53 37.97
C HIS A 111 9.95 -19.62 37.01
N LEU A 112 10.27 -19.47 35.72
CA LEU A 112 9.89 -20.43 34.66
C LEU A 112 11.01 -20.58 33.64
N LYS A 113 11.55 -21.80 33.49
CA LYS A 113 12.62 -22.12 32.55
C LYS A 113 12.01 -22.44 31.19
N CYS A 114 12.40 -21.71 30.14
CA CYS A 114 11.86 -21.90 28.78
C CYS A 114 12.92 -22.06 27.71
N LYS A 115 12.67 -22.99 26.76
CA LYS A 115 13.51 -23.22 25.59
C LYS A 115 12.85 -22.44 24.46
N VAL A 116 13.48 -21.33 24.04
CA VAL A 116 12.94 -20.47 22.98
C VAL A 116 13.58 -20.77 21.62
N ARG A 117 12.75 -21.21 20.67
CA ARG A 117 13.15 -21.54 19.31
C ARG A 117 12.74 -20.37 18.41
N MET A 118 13.72 -19.55 18.01
CA MET A 118 13.50 -18.34 17.21
C MET A 118 13.88 -18.49 15.72
N GLU A 119 13.87 -19.73 15.20
CA GLU A 119 14.18 -20.05 13.80
C GLU A 119 13.19 -19.43 12.83
N LYS A 120 11.89 -19.43 13.19
CA LYS A 120 10.81 -18.89 12.35
C LYS A 120 10.51 -17.40 12.57
N LEU A 121 11.39 -16.70 13.32
CA LEU A 121 11.28 -15.26 13.56
C LEU A 121 11.91 -14.49 12.40
N ARG A 122 11.42 -13.26 12.16
CA ARG A 122 11.92 -12.39 11.08
C ARG A 122 11.71 -10.90 11.40
N ILE A 123 12.51 -10.03 10.76
CA ILE A 123 12.40 -8.58 10.93
C ILE A 123 11.36 -8.05 9.93
N LYS A 124 10.44 -7.19 10.42
CA LYS A 124 9.37 -6.55 9.65
C LYS A 124 9.97 -5.65 8.55
N GLY A 125 11.03 -4.92 8.88
CA GLY A 125 11.72 -4.03 7.96
C GLY A 125 11.50 -2.56 8.30
N MET B 1 40.19 30.32 36.19
CA MET B 1 40.88 29.09 36.55
C MET B 1 42.14 28.91 35.69
N ARG B 2 43.29 28.68 36.35
CA ARG B 2 44.58 28.46 35.67
C ARG B 2 44.70 27.00 35.24
N CYS B 3 45.11 26.79 33.97
CA CYS B 3 45.25 25.46 33.38
C CYS B 3 46.69 24.97 33.32
N VAL B 4 46.88 23.64 33.42
CA VAL B 4 48.19 22.98 33.34
C VAL B 4 48.50 22.77 31.85
N GLY B 5 49.61 23.34 31.40
CA GLY B 5 50.06 23.28 30.01
C GLY B 5 50.74 21.99 29.61
N VAL B 6 50.23 21.36 28.53
CA VAL B 6 50.76 20.11 27.97
C VAL B 6 51.00 20.34 26.47
N GLY B 7 52.24 20.12 26.02
CA GLY B 7 52.64 20.29 24.63
C GLY B 7 53.29 21.63 24.34
N ASN B 8 53.79 21.79 23.10
CA ASN B 8 54.47 22.99 22.63
C ASN B 8 54.01 23.35 21.21
N ARG B 9 53.86 24.66 20.94
CA ARG B 9 53.42 25.21 19.65
C ARG B 9 54.41 25.00 18.51
N ASP B 10 55.70 24.83 18.82
CA ASP B 10 56.77 24.62 17.84
C ASP B 10 57.01 23.14 17.51
N PHE B 11 56.27 22.21 18.15
CA PHE B 11 56.46 20.78 17.93
C PHE B 11 55.21 20.01 17.55
N VAL B 12 55.40 18.94 16.77
CA VAL B 12 54.33 18.07 16.24
C VAL B 12 54.22 16.71 16.98
N GLU B 13 55.16 16.42 17.90
CA GLU B 13 55.21 15.17 18.67
C GLU B 13 53.99 14.96 19.57
N GLY B 14 53.37 13.79 19.43
CA GLY B 14 52.19 13.38 20.20
C GLY B 14 50.86 13.63 19.52
N VAL B 15 50.87 14.35 18.38
CA VAL B 15 49.66 14.71 17.64
C VAL B 15 49.66 14.18 16.19
N SER B 16 50.81 13.67 15.73
CA SER B 16 50.97 13.12 14.37
C SER B 16 51.55 11.71 14.38
N GLY B 17 51.22 10.95 13.34
CA GLY B 17 51.70 9.58 13.10
C GLY B 17 51.38 8.57 14.18
N GLY B 18 50.10 8.30 14.38
CA GLY B 18 49.58 7.33 15.35
C GLY B 18 49.94 7.57 16.80
N ALA B 19 50.40 8.78 17.15
CA ALA B 19 50.79 9.14 18.51
C ALA B 19 49.64 9.83 19.26
N TRP B 20 49.66 9.78 20.59
CA TRP B 20 48.62 10.37 21.44
C TRP B 20 49.20 11.22 22.59
N VAL B 21 48.33 12.02 23.22
CA VAL B 21 48.70 12.90 24.35
C VAL B 21 47.99 12.36 25.61
N ASP B 22 48.77 12.01 26.64
CA ASP B 22 48.22 11.49 27.91
C ASP B 22 47.91 12.62 28.87
N LEU B 23 46.63 12.74 29.26
CA LEU B 23 46.16 13.80 30.17
C LEU B 23 45.50 13.23 31.41
N VAL B 24 45.66 13.93 32.55
CA VAL B 24 45.05 13.58 33.83
C VAL B 24 44.09 14.72 34.16
N LEU B 25 42.78 14.46 33.97
CA LEU B 25 41.73 15.44 34.21
C LEU B 25 41.27 15.43 35.65
N GLU B 26 41.62 16.48 36.39
CA GLU B 26 41.26 16.64 37.81
C GLU B 26 39.91 17.36 37.94
N HIS B 27 39.09 16.95 38.91
CA HIS B 27 37.79 17.58 39.18
C HIS B 27 38.05 18.92 39.86
N GLY B 28 37.63 19.99 39.18
CA GLY B 28 37.87 21.36 39.63
C GLY B 28 39.20 21.88 39.12
N GLY B 29 39.71 21.23 38.08
CA GLY B 29 40.98 21.56 37.43
C GLY B 29 40.84 21.70 35.92
N CYS B 30 41.88 22.25 35.27
CA CYS B 30 41.90 22.48 33.82
C CYS B 30 43.25 22.10 33.19
N VAL B 31 43.21 21.61 31.94
CA VAL B 31 44.40 21.21 31.16
C VAL B 31 44.35 21.86 29.76
N THR B 32 45.48 22.47 29.34
CA THR B 32 45.61 23.14 28.03
C THR B 32 46.62 22.42 27.12
N THR B 33 46.17 22.02 25.92
CA THR B 33 47.00 21.34 24.93
C THR B 33 47.45 22.27 23.80
N MET B 34 48.73 22.17 23.41
CA MET B 34 49.35 22.97 22.36
C MET B 34 50.14 22.09 21.39
N ALA B 35 50.04 22.36 20.08
CA ALA B 35 50.73 21.61 19.03
C ALA B 35 50.88 22.38 17.73
N GLN B 36 51.95 22.07 16.96
CA GLN B 36 52.26 22.67 15.66
C GLN B 36 51.19 22.22 14.65
N GLY B 37 50.57 23.21 14.01
CA GLY B 37 49.52 23.00 13.02
C GLY B 37 48.22 22.46 13.58
N LYS B 38 47.97 22.70 14.89
CA LYS B 38 46.76 22.25 15.61
C LYS B 38 46.20 23.38 16.49
N PRO B 39 44.88 23.45 16.75
CA PRO B 39 44.36 24.53 17.62
C PRO B 39 44.62 24.28 19.11
N THR B 40 44.73 25.36 19.90
CA THR B 40 44.94 25.27 21.35
C THR B 40 43.60 24.91 22.01
N LEU B 41 43.60 23.86 22.85
CA LEU B 41 42.38 23.37 23.50
C LEU B 41 42.39 23.45 25.02
N ASP B 42 41.18 23.46 25.62
CA ASP B 42 40.96 23.45 27.06
C ASP B 42 40.15 22.22 27.43
N PHE B 43 40.75 21.31 28.21
CA PHE B 43 40.11 20.09 28.68
C PHE B 43 39.77 20.22 30.16
N GLU B 44 38.50 19.98 30.51
CA GLU B 44 38.02 20.11 31.89
C GLU B 44 37.00 19.03 32.26
N LEU B 45 37.20 18.40 33.43
CA LEU B 45 36.28 17.39 33.97
C LEU B 45 35.23 18.14 34.80
N THR B 46 34.08 18.41 34.18
CA THR B 46 32.97 19.17 34.75
C THR B 46 32.20 18.42 35.85
N LYS B 47 31.65 17.23 35.53
CA LYS B 47 30.86 16.45 36.47
C LYS B 47 31.25 14.97 36.52
N THR B 48 31.19 14.39 37.72
CA THR B 48 31.46 12.97 38.00
C THR B 48 30.33 12.46 38.89
N THR B 49 29.49 11.56 38.35
CA THR B 49 28.34 10.99 39.06
C THR B 49 28.77 9.95 40.09
N ALA B 50 27.85 9.55 41.00
CA ALA B 50 28.09 8.55 42.03
C ALA B 50 28.34 7.18 41.38
N GLY B 51 29.58 6.71 41.49
CA GLY B 51 30.02 5.45 40.90
C GLY B 51 31.51 5.24 40.94
N GLY B 52 32.29 5.90 40.07
CA GLY B 52 31.85 6.86 39.05
C GLY B 52 31.39 6.21 37.76
N LEU B 53 30.10 6.39 37.43
CA LEU B 53 29.46 5.82 36.25
C LEU B 53 29.46 6.77 35.03
N GLU B 54 29.48 8.10 35.26
CA GLU B 54 29.46 9.10 34.18
C GLU B 54 30.49 10.20 34.43
N TYR B 55 31.34 10.47 33.42
CA TYR B 55 32.37 11.51 33.44
C TYR B 55 32.06 12.54 32.37
N THR B 56 31.90 13.81 32.77
CA THR B 56 31.58 14.91 31.85
C THR B 56 32.85 15.69 31.51
N VAL B 57 33.28 15.61 30.23
CA VAL B 57 34.47 16.30 29.74
C VAL B 57 34.05 17.39 28.74
N VAL B 58 34.48 18.64 29.00
CA VAL B 58 34.17 19.79 28.14
C VAL B 58 35.45 20.23 27.40
N VAL B 59 35.41 20.18 26.06
CA VAL B 59 36.53 20.57 25.18
C VAL B 59 36.21 21.95 24.61
N THR B 60 37.09 22.94 24.88
CA THR B 60 36.92 24.32 24.42
C THR B 60 38.13 24.75 23.57
N VAL B 61 37.86 25.35 22.40
CA VAL B 61 38.89 25.83 21.47
C VAL B 61 39.25 27.29 21.79
N HIS B 62 40.57 27.60 21.82
CA HIS B 62 41.09 28.95 22.07
C HIS B 62 40.85 29.81 20.81
N ASN B 63 40.11 30.92 20.97
CA ASN B 63 39.79 31.82 19.86
C ASN B 63 40.69 33.06 19.86
N THR B 73 33.24 26.24 15.49
CA THR B 73 33.77 26.89 16.69
C THR B 73 33.29 26.22 17.98
N SER B 74 33.90 26.57 19.13
CA SER B 74 33.54 26.02 20.43
C SER B 74 33.19 27.09 21.48
N ASN B 75 32.01 27.71 21.31
CA ASN B 75 31.48 28.72 22.25
C ASN B 75 30.93 27.90 23.42
N HIS B 76 31.45 28.18 24.65
CA HIS B 76 31.17 27.47 25.91
C HIS B 76 31.89 26.10 25.91
N GLY B 77 31.91 25.44 24.75
CA GLY B 77 32.59 24.17 24.53
C GLY B 77 31.72 23.02 24.10
N VAL B 78 32.36 21.91 23.68
CA VAL B 78 31.70 20.68 23.26
C VAL B 78 31.80 19.67 24.42
N THR B 79 30.65 19.10 24.82
CA THR B 79 30.55 18.15 25.92
C THR B 79 30.69 16.70 25.44
N ALA B 80 31.49 15.90 26.19
CA ALA B 80 31.72 14.48 25.92
C ALA B 80 31.50 13.67 27.20
N MET B 81 30.73 12.58 27.09
CA MET B 81 30.35 11.70 28.20
C MET B 81 31.24 10.42 28.16
N ILE B 82 31.92 10.12 29.30
CA ILE B 82 32.77 8.95 29.44
C ILE B 82 32.18 8.01 30.51
N THR B 83 31.88 6.76 30.13
CA THR B 83 31.29 5.73 30.99
C THR B 83 32.20 4.48 31.03
N PRO B 84 32.17 3.61 32.07
CA PRO B 84 33.03 2.40 32.04
C PRO B 84 32.68 1.46 30.87
N ARG B 85 31.40 1.47 30.42
CA ARG B 85 30.92 0.68 29.29
C ARG B 85 31.43 1.27 27.97
N SER B 86 31.37 2.61 27.82
CA SER B 86 31.85 3.33 26.64
C SER B 86 32.99 4.30 27.04
N PRO B 87 34.24 3.81 27.22
CA PRO B 87 35.33 4.71 27.66
C PRO B 87 35.97 5.55 26.56
N SER B 88 35.78 5.17 25.28
CA SER B 88 36.33 5.86 24.13
C SER B 88 35.23 6.54 23.31
N VAL B 89 35.51 7.76 22.80
CA VAL B 89 34.56 8.56 22.00
C VAL B 89 35.25 9.51 21.02
N GLU B 90 34.69 9.63 19.80
CA GLU B 90 35.15 10.56 18.77
C GLU B 90 34.38 11.87 18.97
N VAL B 91 35.11 12.96 19.22
CA VAL B 91 34.51 14.27 19.49
C VAL B 91 34.65 15.20 18.29
N LYS B 92 33.52 15.63 17.72
CA LYS B 92 33.50 16.55 16.59
C LYS B 92 33.56 17.99 17.11
N LEU B 93 34.57 18.74 16.66
CA LEU B 93 34.73 20.16 16.99
C LEU B 93 34.53 20.91 15.67
N PRO B 94 33.28 21.36 15.37
CA PRO B 94 33.02 22.04 14.09
C PRO B 94 34.02 23.12 13.69
N ASP B 95 34.51 23.05 12.44
CA ASP B 95 35.51 23.92 11.79
C ASP B 95 36.95 23.56 12.20
N TYR B 96 37.11 22.68 13.20
CA TYR B 96 38.41 22.25 13.73
C TYR B 96 38.71 20.75 13.53
N GLY B 97 37.74 20.01 13.00
CA GLY B 97 37.91 18.58 12.74
C GLY B 97 37.38 17.69 13.85
N GLU B 98 38.18 16.68 14.24
CA GLU B 98 37.82 15.68 15.25
C GLU B 98 38.98 15.29 16.16
N LEU B 99 38.65 14.73 17.34
CA LEU B 99 39.59 14.18 18.31
C LEU B 99 39.00 12.95 19.01
N THR B 100 39.86 12.01 19.42
CA THR B 100 39.42 10.78 20.11
C THR B 100 39.87 10.78 21.56
N LEU B 101 38.91 10.63 22.49
CA LEU B 101 39.16 10.56 23.93
C LEU B 101 39.12 9.10 24.38
N ASP B 102 40.28 8.43 24.41
CA ASP B 102 40.39 7.04 24.85
C ASP B 102 40.75 7.05 26.34
N CYS B 103 39.71 7.22 27.17
CA CYS B 103 39.86 7.34 28.62
C CYS B 103 39.88 6.03 29.40
N GLU B 104 40.47 6.08 30.61
CA GLU B 104 40.63 4.95 31.52
C GLU B 104 39.84 5.23 32.83
N PRO B 105 38.52 4.95 32.87
CA PRO B 105 37.74 5.24 34.09
C PRO B 105 37.99 4.20 35.19
N ARG B 106 38.41 4.67 36.37
CA ARG B 106 38.68 3.81 37.53
C ARG B 106 37.91 4.32 38.76
N SER B 107 36.98 3.48 39.28
CA SER B 107 36.14 3.80 40.43
C SER B 107 36.97 3.85 41.73
N GLY B 108 36.89 4.99 42.42
CA GLY B 108 37.61 5.23 43.67
C GLY B 108 38.23 6.61 43.75
N THR B 109 39.03 6.98 42.72
CA THR B 109 39.72 8.28 42.64
C THR B 109 38.89 9.32 41.89
N GLY B 110 39.07 10.59 42.26
CA GLY B 110 38.36 11.72 41.68
C GLY B 110 38.97 12.35 40.44
N HIS B 111 39.84 11.60 39.74
CA HIS B 111 40.50 12.06 38.51
C HIS B 111 40.29 11.09 37.33
N LEU B 112 40.49 11.59 36.09
CA LEU B 112 40.31 10.79 34.87
C LEU B 112 41.52 10.87 33.94
N LYS B 113 42.09 9.70 33.59
CA LYS B 113 43.23 9.57 32.69
C LYS B 113 42.71 9.33 31.27
N CYS B 114 43.11 10.20 30.31
CA CYS B 114 42.66 10.10 28.91
C CYS B 114 43.78 10.13 27.90
N LYS B 115 43.66 9.28 26.86
CA LYS B 115 44.57 9.26 25.72
C LYS B 115 43.89 10.18 24.70
N VAL B 116 44.53 11.30 24.35
CA VAL B 116 43.96 12.26 23.41
C VAL B 116 44.63 12.16 22.05
N ARG B 117 43.87 11.66 21.05
CA ARG B 117 44.33 11.48 19.68
C ARG B 117 43.86 12.69 18.86
N MET B 118 44.79 13.60 18.57
CA MET B 118 44.51 14.85 17.86
C MET B 118 44.97 14.85 16.38
N GLU B 119 45.06 13.65 15.76
CA GLU B 119 45.47 13.47 14.37
C GLU B 119 44.49 14.11 13.38
N LYS B 120 43.18 14.01 13.67
CA LYS B 120 42.13 14.55 12.80
C LYS B 120 41.73 15.99 13.13
N LEU B 121 42.52 16.67 13.99
CA LEU B 121 42.31 18.08 14.34
C LEU B 121 43.00 18.99 13.33
N ARG B 122 42.43 20.19 13.12
CA ARG B 122 42.95 21.19 12.17
C ARG B 122 42.63 22.62 12.61
N ILE B 123 43.41 23.59 12.09
CA ILE B 123 43.22 25.01 12.38
C ILE B 123 42.19 25.58 11.40
N LYS B 124 41.21 26.34 11.92
CA LYS B 124 40.14 27.00 11.16
C LYS B 124 40.71 27.98 10.11
N GLY B 125 40.61 27.59 8.84
CA GLY B 125 41.09 28.37 7.70
C GLY B 125 42.56 28.19 7.44
N GLU C 1 -6.55 -37.07 9.10
CA GLU C 1 -7.78 -37.44 9.84
C GLU C 1 -8.55 -36.34 10.60
N VAL C 2 -7.95 -35.15 10.83
CA VAL C 2 -8.63 -34.05 11.54
C VAL C 2 -9.71 -33.46 10.63
N GLN C 3 -10.93 -33.31 11.15
CA GLN C 3 -12.08 -32.79 10.39
C GLN C 3 -12.79 -31.63 11.08
N LEU C 4 -13.30 -30.67 10.29
CA LEU C 4 -14.01 -29.50 10.79
C LEU C 4 -15.49 -29.54 10.40
N LEU C 5 -16.38 -29.48 11.40
CA LEU C 5 -17.82 -29.47 11.22
C LEU C 5 -18.37 -28.10 11.60
N GLU C 6 -19.04 -27.44 10.65
CA GLU C 6 -19.62 -26.12 10.84
C GLU C 6 -21.08 -26.16 11.25
N SER C 7 -21.44 -25.30 12.22
CA SER C 7 -22.81 -25.19 12.75
C SER C 7 -23.17 -23.74 13.06
N GLY C 8 -24.47 -23.46 13.10
CA GLY C 8 -25.01 -22.15 13.40
C GLY C 8 -26.24 -21.81 12.58
N PRO C 9 -26.98 -20.75 12.96
CA PRO C 9 -28.19 -20.39 12.19
C PRO C 9 -27.87 -19.79 10.81
N GLY C 10 -28.70 -20.15 9.84
CA GLY C 10 -28.58 -19.68 8.46
C GLY C 10 -29.18 -18.29 8.25
N LEU C 11 -29.99 -17.84 9.22
CA LEU C 11 -30.66 -16.54 9.20
C LEU C 11 -30.49 -15.83 10.55
N VAL C 12 -29.96 -14.59 10.50
CA VAL C 12 -29.72 -13.74 11.66
C VAL C 12 -30.44 -12.40 11.43
N LYS C 13 -31.19 -11.91 12.42
CA LYS C 13 -31.90 -10.62 12.34
C LYS C 13 -30.88 -9.47 12.47
N PRO C 14 -31.10 -8.28 11.83
CA PRO C 14 -30.13 -7.17 11.96
C PRO C 14 -29.99 -6.68 13.41
N SER C 15 -28.81 -6.12 13.74
CA SER C 15 -28.38 -5.60 15.06
C SER C 15 -28.06 -6.68 16.10
N GLU C 16 -28.43 -7.95 15.83
CA GLU C 16 -28.17 -9.10 16.69
C GLU C 16 -26.71 -9.57 16.57
N THR C 17 -26.33 -10.59 17.36
CA THR C 17 -24.98 -11.16 17.35
C THR C 17 -24.99 -12.48 16.56
N LEU C 18 -24.12 -12.55 15.54
CA LEU C 18 -23.92 -13.69 14.65
C LEU C 18 -23.04 -14.73 15.39
N SER C 19 -23.60 -15.89 15.75
CA SER C 19 -22.87 -16.94 16.46
C SER C 19 -22.75 -18.22 15.62
N LEU C 20 -21.50 -18.65 15.38
CA LEU C 20 -21.20 -19.86 14.61
C LEU C 20 -20.22 -20.75 15.37
N THR C 21 -20.35 -22.08 15.18
CA THR C 21 -19.53 -23.08 15.86
C THR C 21 -18.81 -23.99 14.86
N CYS C 22 -17.52 -24.25 15.14
CA CYS C 22 -16.67 -25.13 14.34
C CYS C 22 -16.16 -26.24 15.27
N THR C 23 -16.66 -27.47 15.07
CA THR C 23 -16.30 -28.63 15.90
C THR C 23 -15.15 -29.43 15.28
N VAL C 24 -14.10 -29.71 16.08
CA VAL C 24 -12.90 -30.47 15.67
C VAL C 24 -13.13 -31.96 15.93
N SER C 25 -12.88 -32.80 14.90
CA SER C 25 -13.05 -34.26 14.98
C SER C 25 -11.76 -35.00 14.62
N GLY C 26 -11.43 -36.02 15.40
CA GLY C 26 -10.25 -36.87 15.20
C GLY C 26 -8.92 -36.20 15.42
N GLY C 27 -8.85 -35.32 16.42
CA GLY C 27 -7.64 -34.60 16.77
C GLY C 27 -7.75 -33.66 17.95
N SER C 28 -6.62 -33.09 18.37
CA SER C 28 -6.53 -32.17 19.49
C SER C 28 -6.63 -30.72 19.05
N ILE C 29 -7.58 -29.98 19.63
CA ILE C 29 -7.85 -28.57 19.35
C ILE C 29 -6.73 -27.63 19.84
N SER C 30 -6.04 -27.99 20.94
CA SER C 30 -4.98 -27.23 21.60
C SER C 30 -3.73 -26.93 20.76
N ASP C 31 -3.29 -27.90 19.94
CA ASP C 31 -2.08 -27.80 19.12
C ASP C 31 -2.13 -26.86 17.92
N PHE C 32 -3.33 -26.49 17.45
CA PHE C 32 -3.46 -25.67 16.23
C PHE C 32 -4.08 -24.29 16.40
N TYR C 33 -3.80 -23.39 15.43
CA TYR C 33 -4.35 -22.04 15.33
C TYR C 33 -5.60 -22.15 14.46
N TRP C 34 -6.74 -21.67 14.98
CA TRP C 34 -8.00 -21.76 14.27
C TRP C 34 -8.47 -20.41 13.76
N SER C 35 -8.74 -20.35 12.45
CA SER C 35 -9.15 -19.13 11.75
C SER C 35 -10.59 -19.17 11.22
N TRP C 36 -11.18 -17.99 11.05
CA TRP C 36 -12.51 -17.79 10.49
C TRP C 36 -12.41 -16.88 9.28
N LEU C 37 -13.06 -17.27 8.17
CA LEU C 37 -13.05 -16.55 6.89
C LEU C 37 -14.47 -16.42 6.35
N ARG C 38 -14.70 -15.45 5.44
CA ARG C 38 -16.01 -15.24 4.81
C ARG C 38 -15.91 -14.91 3.33
N GLN C 39 -16.93 -15.30 2.55
CA GLN C 39 -16.98 -15.08 1.10
C GLN C 39 -18.35 -14.59 0.63
N SER C 40 -18.35 -13.55 -0.22
CA SER C 40 -19.54 -12.94 -0.83
C SER C 40 -19.26 -12.55 -2.30
N PRO C 41 -20.26 -12.56 -3.21
CA PRO C 41 -19.99 -12.27 -4.63
C PRO C 41 -19.78 -10.79 -5.00
N GLY C 42 -19.02 -10.06 -4.18
CA GLY C 42 -18.71 -8.66 -4.39
C GLY C 42 -17.58 -8.14 -3.51
N LYS C 43 -17.35 -8.82 -2.37
CA LYS C 43 -16.32 -8.49 -1.37
C LYS C 43 -15.18 -9.53 -1.40
N GLY C 44 -15.45 -10.67 -2.05
CA GLY C 44 -14.50 -11.78 -2.19
C GLY C 44 -14.21 -12.53 -0.91
N LEU C 45 -13.08 -13.26 -0.90
CA LEU C 45 -12.61 -14.05 0.24
C LEU C 45 -11.90 -13.13 1.24
N GLU C 46 -12.46 -13.02 2.46
CA GLU C 46 -11.95 -12.14 3.53
C GLU C 46 -11.58 -12.92 4.79
N TRP C 47 -10.36 -12.65 5.33
CA TRP C 47 -9.85 -13.26 6.55
C TRP C 47 -10.34 -12.43 7.75
N ILE C 48 -11.13 -13.05 8.65
CA ILE C 48 -11.70 -12.38 9.81
C ILE C 48 -10.69 -12.30 10.97
N GLY C 49 -10.04 -13.42 11.27
CA GLY C 49 -9.06 -13.50 12.34
C GLY C 49 -8.74 -14.92 12.78
N TYR C 50 -7.80 -15.05 13.74
CA TYR C 50 -7.40 -16.34 14.29
C TYR C 50 -7.47 -16.37 15.82
N ALA C 51 -7.45 -17.59 16.40
CA ALA C 51 -7.45 -17.82 17.84
C ALA C 51 -6.73 -19.11 18.19
N HIS C 52 -6.12 -19.14 19.37
CA HIS C 52 -5.39 -20.29 19.92
C HIS C 52 -5.87 -20.51 21.35
N SER C 53 -5.81 -21.77 21.83
CA SER C 53 -6.24 -22.15 23.17
C SER C 53 -5.40 -21.51 24.28
N ARG C 54 -4.11 -21.23 24.02
CA ARG C 54 -3.18 -20.65 24.99
C ARG C 54 -2.48 -19.35 24.54
N VAL C 55 -2.73 -18.91 23.29
CA VAL C 55 -2.15 -17.67 22.74
C VAL C 55 -3.28 -16.68 22.41
N SER C 56 -3.05 -15.39 22.71
CA SER C 56 -4.00 -14.29 22.47
C SER C 56 -4.38 -14.17 20.99
N ALA C 57 -5.68 -14.00 20.72
CA ALA C 57 -6.27 -13.89 19.39
C ALA C 57 -5.83 -12.62 18.64
N TYR C 58 -5.95 -12.64 17.31
CA TYR C 58 -5.62 -11.52 16.43
C TYR C 58 -6.71 -11.41 15.36
N TYR C 59 -7.28 -10.21 15.19
CA TYR C 59 -8.38 -9.97 14.25
C TYR C 59 -8.06 -8.96 13.16
N ASN C 60 -8.88 -8.95 12.10
CA ASN C 60 -8.78 -8.02 10.97
C ASN C 60 -9.23 -6.62 11.49
N PRO C 61 -8.43 -5.55 11.28
CA PRO C 61 -8.82 -4.21 11.79
C PRO C 61 -10.17 -3.68 11.30
N SER C 62 -10.71 -4.26 10.21
CA SER C 62 -12.01 -3.87 9.65
C SER C 62 -13.19 -4.48 10.43
N LEU C 63 -12.92 -5.54 11.23
CA LEU C 63 -13.95 -6.24 12.02
C LEU C 63 -13.66 -6.31 13.53
N LYS C 64 -12.39 -6.07 13.94
CA LYS C 64 -11.87 -6.12 15.32
C LYS C 64 -12.83 -5.64 16.43
N SER C 65 -13.46 -4.47 16.22
CA SER C 65 -14.39 -3.85 17.18
C SER C 65 -15.70 -4.63 17.39
N ARG C 66 -16.08 -5.49 16.43
CA ARG C 66 -17.32 -6.27 16.46
C ARG C 66 -17.10 -7.79 16.57
N VAL C 67 -15.88 -8.27 16.30
CA VAL C 67 -15.56 -9.69 16.29
C VAL C 67 -14.82 -10.28 17.51
N THR C 68 -15.17 -11.53 17.86
CA THR C 68 -14.58 -12.33 18.94
C THR C 68 -14.51 -13.80 18.50
N ILE C 69 -13.30 -14.38 18.51
CA ILE C 69 -13.06 -15.79 18.16
C ILE C 69 -12.49 -16.50 19.38
N SER C 70 -13.24 -17.49 19.91
CA SER C 70 -12.86 -18.24 21.11
C SER C 70 -12.69 -19.73 20.86
N VAL C 71 -11.71 -20.34 21.55
CA VAL C 71 -11.40 -21.76 21.47
C VAL C 71 -11.80 -22.42 22.80
N ASP C 72 -12.72 -23.40 22.73
CA ASP C 72 -13.21 -24.14 23.90
C ASP C 72 -12.65 -25.56 23.87
N THR C 73 -11.61 -25.82 24.69
CA THR C 73 -10.93 -27.12 24.77
C THR C 73 -11.80 -28.25 25.32
N SER C 74 -12.62 -27.95 26.34
CA SER C 74 -13.52 -28.92 26.99
C SER C 74 -14.63 -29.39 26.03
N LYS C 75 -15.22 -28.44 25.27
CA LYS C 75 -16.28 -28.71 24.31
C LYS C 75 -15.73 -29.12 22.93
N ASN C 76 -14.39 -29.01 22.74
CA ASN C 76 -13.65 -29.34 21.51
C ASN C 76 -14.18 -28.58 20.28
N GLN C 77 -14.54 -27.29 20.47
CA GLN C 77 -15.10 -26.43 19.43
C GLN C 77 -14.56 -25.00 19.43
N ILE C 78 -14.63 -24.33 18.26
CA ILE C 78 -14.21 -22.94 18.05
C ILE C 78 -15.46 -22.12 17.74
N SER C 79 -15.60 -20.95 18.39
CA SER C 79 -16.76 -20.08 18.18
C SER C 79 -16.39 -18.75 17.54
N LEU C 80 -17.31 -18.21 16.73
CA LEU C 80 -17.20 -16.91 16.05
C LEU C 80 -18.38 -16.06 16.47
N ARG C 81 -18.10 -14.89 17.07
CA ARG C 81 -19.13 -13.95 17.51
C ARG C 81 -18.95 -12.60 16.83
N LEU C 82 -19.93 -12.21 16.00
CA LEU C 82 -19.94 -10.95 15.26
C LEU C 82 -21.17 -10.12 15.66
N SER C 83 -20.94 -9.08 16.47
CA SER C 83 -22.00 -8.21 17.00
C SER C 83 -22.38 -7.08 16.03
N ALA C 84 -23.55 -6.43 16.26
CA ALA C 84 -24.12 -5.32 15.47
C ALA C 84 -24.17 -5.66 13.98
N VAL C 85 -24.71 -6.84 13.67
CA VAL C 85 -24.82 -7.42 12.33
C VAL C 85 -25.77 -6.64 11.38
N THR C 86 -25.34 -6.50 10.11
CA THR C 86 -26.08 -5.79 9.04
C THR C 86 -26.06 -6.61 7.74
N ALA C 87 -26.80 -6.17 6.69
CA ALA C 87 -26.87 -6.84 5.39
C ALA C 87 -25.50 -7.02 4.72
N ALA C 88 -24.51 -6.17 5.09
CA ALA C 88 -23.14 -6.21 4.60
C ALA C 88 -22.38 -7.44 5.14
N ASP C 89 -22.87 -8.05 6.23
CA ASP C 89 -22.29 -9.23 6.85
C ASP C 89 -22.84 -10.55 6.27
N THR C 90 -23.77 -10.46 5.30
CA THR C 90 -24.34 -11.62 4.61
C THR C 90 -23.24 -12.22 3.72
N ALA C 91 -22.74 -13.40 4.12
CA ALA C 91 -21.66 -14.12 3.43
C ALA C 91 -21.67 -15.62 3.77
N LEU C 92 -20.84 -16.38 3.04
CA LEU C 92 -20.63 -17.81 3.27
C LEU C 92 -19.40 -17.88 4.18
N TYR C 93 -19.63 -18.21 5.46
CA TYR C 93 -18.61 -18.26 6.50
C TYR C 93 -17.91 -19.62 6.55
N TYR C 94 -16.56 -19.58 6.62
CA TYR C 94 -15.71 -20.75 6.68
C TYR C 94 -14.84 -20.75 7.93
N CYS C 95 -14.65 -21.93 8.54
CA CYS C 95 -13.72 -22.10 9.65
C CYS C 95 -12.56 -22.94 9.12
N ALA C 96 -11.33 -22.50 9.37
CA ALA C 96 -10.15 -23.18 8.84
C ALA C 96 -8.98 -23.22 9.82
N ARG C 97 -8.02 -24.12 9.57
CA ARG C 97 -6.81 -24.24 10.38
C ARG C 97 -5.74 -23.35 9.75
N GLN C 98 -5.17 -22.43 10.54
CA GLN C 98 -4.10 -21.54 10.10
C GLN C 98 -2.78 -22.22 10.47
N GLY C 99 -2.05 -22.64 9.43
CA GLY C 99 -0.80 -23.36 9.57
C GLY C 99 0.35 -22.59 10.21
N THR C 100 1.29 -23.33 10.80
CA THR C 100 2.50 -22.82 11.47
C THR C 100 3.74 -23.47 10.81
N GLY C 101 4.90 -23.33 11.45
CA GLY C 101 6.14 -23.93 10.98
C GLY C 101 6.19 -25.43 11.14
N THR C 102 5.43 -25.98 12.11
CA THR C 102 5.37 -27.41 12.41
C THR C 102 3.98 -28.02 12.18
N THR C 103 2.91 -27.22 12.34
CA THR C 103 1.52 -27.68 12.15
C THR C 103 0.93 -27.20 10.82
N GLY C 104 0.13 -28.05 10.21
CA GLY C 104 -0.49 -27.78 8.91
C GLY C 104 0.48 -28.01 7.77
N VAL C 105 0.19 -27.44 6.60
CA VAL C 105 1.05 -27.58 5.43
C VAL C 105 2.27 -26.63 5.53
N SER C 106 2.01 -25.34 5.81
CA SER C 106 3.03 -24.29 5.96
C SER C 106 2.51 -23.12 6.80
N GLU C 107 3.41 -22.20 7.19
CA GLU C 107 3.08 -21.02 8.00
C GLU C 107 2.11 -20.10 7.26
N ASP C 108 1.00 -19.77 7.92
CA ASP C 108 -0.08 -18.91 7.45
C ASP C 108 -0.78 -19.31 6.15
N SER C 109 -0.94 -20.63 5.95
CA SER C 109 -1.68 -21.21 4.82
C SER C 109 -2.87 -21.96 5.41
N PHE C 110 -3.98 -22.04 4.65
CA PHE C 110 -5.17 -22.72 5.11
C PHE C 110 -5.34 -24.04 4.37
N ASP C 111 -5.00 -25.15 5.04
CA ASP C 111 -5.06 -26.49 4.47
C ASP C 111 -6.38 -27.20 4.76
N LEU C 112 -6.84 -27.16 6.02
CA LEU C 112 -8.06 -27.80 6.47
C LEU C 112 -9.16 -26.76 6.56
N TRP C 113 -10.26 -27.00 5.83
CA TRP C 113 -11.40 -26.10 5.75
C TRP C 113 -12.70 -26.78 6.13
N GLY C 114 -13.65 -25.99 6.61
CA GLY C 114 -14.99 -26.45 6.95
C GLY C 114 -15.86 -26.51 5.70
N GLN C 115 -17.06 -27.10 5.81
CA GLN C 115 -17.99 -27.25 4.68
C GLN C 115 -18.55 -25.91 4.17
N GLY C 116 -18.60 -24.92 5.05
CA GLY C 116 -19.13 -23.59 4.75
C GLY C 116 -20.56 -23.45 5.23
N THR C 117 -20.88 -22.30 5.82
CA THR C 117 -22.21 -22.01 6.35
C THR C 117 -22.74 -20.69 5.77
N LYS C 118 -23.88 -20.77 5.05
CA LYS C 118 -24.53 -19.62 4.44
C LYS C 118 -25.26 -18.84 5.52
N VAL C 119 -24.83 -17.58 5.74
CA VAL C 119 -25.45 -16.70 6.74
C VAL C 119 -26.10 -15.52 6.02
N ILE C 120 -27.42 -15.39 6.19
CA ILE C 120 -28.20 -14.30 5.60
C ILE C 120 -28.69 -13.36 6.71
N VAL C 121 -28.35 -12.08 6.60
CA VAL C 121 -28.78 -11.07 7.57
C VAL C 121 -30.02 -10.34 7.03
N SER C 122 -31.19 -10.66 7.61
CA SER C 122 -32.48 -10.09 7.22
C SER C 122 -33.50 -10.14 8.36
N LEU C 123 -34.42 -9.17 8.38
CA LEU C 123 -35.49 -9.05 9.37
C LEU C 123 -36.79 -9.71 8.84
N ALA C 124 -36.80 -10.08 7.55
CA ALA C 124 -37.93 -10.70 6.85
C ALA C 124 -38.42 -12.00 7.49
N SER C 125 -39.75 -12.17 7.57
CA SER C 125 -40.40 -13.36 8.14
C SER C 125 -40.54 -14.47 7.10
N THR C 126 -40.74 -15.72 7.58
CA THR C 126 -40.91 -16.89 6.72
C THR C 126 -42.29 -16.82 6.04
N LYS C 127 -42.30 -16.89 4.70
CA LYS C 127 -43.52 -16.85 3.89
C LYS C 127 -43.45 -17.88 2.78
N GLY C 128 -44.56 -18.60 2.58
CA GLY C 128 -44.69 -19.62 1.55
C GLY C 128 -44.76 -19.02 0.16
N PRO C 129 -44.29 -19.75 -0.89
CA PRO C 129 -44.33 -19.18 -2.24
C PRO C 129 -45.66 -19.34 -2.95
N SER C 130 -45.89 -18.45 -3.94
CA SER C 130 -47.08 -18.46 -4.78
C SER C 130 -46.60 -18.79 -6.20
N VAL C 131 -46.97 -19.99 -6.70
CA VAL C 131 -46.55 -20.44 -8.02
C VAL C 131 -47.58 -20.17 -9.12
N PHE C 132 -47.10 -19.64 -10.26
CA PHE C 132 -47.93 -19.28 -11.40
C PHE C 132 -47.38 -19.89 -12.69
N PRO C 133 -48.24 -20.44 -13.58
CA PRO C 133 -47.71 -21.05 -14.81
C PRO C 133 -47.37 -20.06 -15.93
N LEU C 134 -46.21 -20.28 -16.57
CA LEU C 134 -45.73 -19.49 -17.71
C LEU C 134 -46.08 -20.29 -18.96
N ALA C 135 -47.37 -20.20 -19.38
CA ALA C 135 -47.97 -20.90 -20.50
C ALA C 135 -47.27 -20.71 -21.87
N PRO C 136 -47.14 -21.78 -22.69
CA PRO C 136 -46.48 -21.60 -24.00
C PRO C 136 -47.43 -21.10 -25.09
N THR C 145 -39.06 -26.03 -31.39
CA THR C 145 -39.42 -26.39 -30.00
C THR C 145 -40.10 -25.23 -29.27
N ALA C 146 -40.96 -25.58 -28.28
CA ALA C 146 -41.71 -24.62 -27.48
C ALA C 146 -41.17 -24.53 -26.05
N ALA C 147 -41.29 -23.34 -25.43
CA ALA C 147 -40.82 -23.11 -24.06
C ALA C 147 -41.97 -22.79 -23.11
N LEU C 148 -41.96 -23.43 -21.94
CA LEU C 148 -42.95 -23.26 -20.86
C LEU C 148 -42.26 -23.31 -19.49
N GLY C 149 -42.82 -22.59 -18.51
CA GLY C 149 -42.25 -22.55 -17.18
C GLY C 149 -43.20 -22.29 -16.03
N CYS C 150 -42.62 -22.01 -14.85
CA CYS C 150 -43.33 -21.70 -13.60
C CYS C 150 -42.67 -20.53 -12.90
N LEU C 151 -43.48 -19.59 -12.37
CA LEU C 151 -43.00 -18.41 -11.65
C LEU C 151 -43.25 -18.57 -10.14
N VAL C 152 -42.17 -18.84 -9.39
CA VAL C 152 -42.17 -19.02 -7.94
C VAL C 152 -41.99 -17.60 -7.35
N LYS C 153 -43.11 -16.95 -6.97
CA LYS C 153 -43.13 -15.57 -6.47
C LYS C 153 -43.46 -15.44 -4.98
N ASP C 154 -42.98 -14.33 -4.36
CA ASP C 154 -43.20 -13.90 -2.97
C ASP C 154 -42.93 -14.95 -1.90
N TYR C 155 -41.65 -15.24 -1.65
CA TYR C 155 -41.23 -16.21 -0.63
C TYR C 155 -39.99 -15.78 0.14
N PHE C 156 -39.87 -16.25 1.38
CA PHE C 156 -38.72 -16.03 2.24
C PHE C 156 -38.58 -17.16 3.27
N PRO C 157 -37.38 -17.72 3.50
CA PRO C 157 -36.09 -17.41 2.85
C PRO C 157 -35.80 -18.34 1.68
N GLU C 158 -34.53 -18.41 1.27
CA GLU C 158 -34.06 -19.29 0.21
C GLU C 158 -33.62 -20.64 0.84
N PRO C 159 -33.66 -21.79 0.11
CA PRO C 159 -33.98 -22.00 -1.30
C PRO C 159 -35.36 -22.63 -1.57
N VAL C 160 -35.65 -22.87 -2.86
CA VAL C 160 -36.85 -23.54 -3.35
C VAL C 160 -36.44 -24.66 -4.31
N THR C 161 -36.90 -25.89 -4.05
CA THR C 161 -36.57 -27.06 -4.88
C THR C 161 -37.65 -27.19 -5.96
N VAL C 162 -37.27 -26.90 -7.22
CA VAL C 162 -38.18 -26.98 -8.36
C VAL C 162 -37.76 -28.10 -9.32
N SER C 163 -38.66 -29.07 -9.54
CA SER C 163 -38.47 -30.21 -10.44
C SER C 163 -39.70 -30.34 -11.36
N TRP C 164 -39.50 -30.93 -12.55
CA TRP C 164 -40.58 -31.12 -13.52
C TRP C 164 -41.01 -32.56 -13.66
N ASN C 165 -42.34 -32.80 -13.61
CA ASN C 165 -43.00 -34.11 -13.69
C ASN C 165 -42.49 -35.12 -12.65
N SER C 166 -42.33 -34.65 -11.39
CA SER C 166 -41.84 -35.38 -10.22
C SER C 166 -40.43 -35.98 -10.37
N GLY C 167 -39.59 -35.31 -11.16
CA GLY C 167 -38.20 -35.72 -11.41
C GLY C 167 -37.97 -36.44 -12.73
N ALA C 168 -39.04 -36.74 -13.49
CA ALA C 168 -38.96 -37.44 -14.78
C ALA C 168 -38.33 -36.59 -15.89
N LEU C 169 -38.55 -35.26 -15.86
CA LEU C 169 -38.05 -34.32 -16.86
C LEU C 169 -36.76 -33.62 -16.38
N THR C 170 -35.64 -33.86 -17.10
CA THR C 170 -34.31 -33.33 -16.78
C THR C 170 -33.77 -32.45 -17.92
N SER C 171 -33.91 -32.93 -19.18
CA SER C 171 -33.44 -32.25 -20.39
C SER C 171 -34.19 -30.95 -20.65
N GLY C 172 -33.43 -29.88 -20.92
CA GLY C 172 -33.96 -28.55 -21.21
C GLY C 172 -34.41 -27.72 -20.03
N VAL C 173 -34.35 -28.30 -18.81
CA VAL C 173 -34.77 -27.63 -17.57
C VAL C 173 -33.74 -26.56 -17.14
N HIS C 174 -34.22 -25.33 -16.89
CA HIS C 174 -33.41 -24.20 -16.44
C HIS C 174 -34.04 -23.50 -15.24
N THR C 175 -33.53 -23.80 -14.02
CA THR C 175 -33.99 -23.18 -12.79
C THR C 175 -33.05 -22.01 -12.48
N PHE C 176 -33.55 -20.80 -12.71
CA PHE C 176 -32.80 -19.54 -12.55
C PHE C 176 -32.55 -19.16 -11.10
N PRO C 177 -31.40 -18.51 -10.77
CA PRO C 177 -31.18 -18.07 -9.38
C PRO C 177 -32.19 -16.99 -8.98
N ALA C 178 -32.64 -17.02 -7.71
CA ALA C 178 -33.63 -16.08 -7.19
C ALA C 178 -33.13 -14.65 -7.10
N VAL C 179 -34.02 -13.68 -7.29
CA VAL C 179 -33.74 -12.24 -7.19
C VAL C 179 -34.54 -11.62 -6.05
N LEU C 180 -33.89 -10.74 -5.27
CA LEU C 180 -34.54 -10.08 -4.13
C LEU C 180 -35.34 -8.87 -4.59
N GLN C 181 -36.67 -8.94 -4.43
CA GLN C 181 -37.63 -7.88 -4.78
C GLN C 181 -37.52 -6.69 -3.84
N SER C 182 -38.16 -5.56 -4.21
CA SER C 182 -38.20 -4.32 -3.43
C SER C 182 -38.89 -4.53 -2.08
N SER C 183 -39.89 -5.45 -2.04
CA SER C 183 -40.66 -5.82 -0.85
C SER C 183 -39.83 -6.55 0.22
N GLY C 184 -38.77 -7.23 -0.23
CA GLY C 184 -37.88 -8.01 0.63
C GLY C 184 -38.04 -9.50 0.43
N LEU C 185 -38.91 -9.89 -0.51
CA LEU C 185 -39.22 -11.28 -0.87
C LEU C 185 -38.41 -11.72 -2.09
N TYR C 186 -38.30 -13.04 -2.29
CA TYR C 186 -37.56 -13.60 -3.42
C TYR C 186 -38.50 -14.01 -4.56
N SER C 187 -38.02 -13.89 -5.80
CA SER C 187 -38.76 -14.26 -7.00
C SER C 187 -37.88 -15.17 -7.86
N LEU C 188 -38.39 -16.38 -8.17
CA LEU C 188 -37.69 -17.41 -8.95
C LEU C 188 -38.52 -17.84 -10.16
N SER C 189 -37.83 -18.22 -11.25
CA SER C 189 -38.45 -18.70 -12.49
C SER C 189 -37.72 -19.96 -12.96
N SER C 190 -38.50 -21.01 -13.26
CA SER C 190 -37.96 -22.28 -13.75
C SER C 190 -38.63 -22.63 -15.07
N VAL C 191 -37.84 -22.73 -16.15
CA VAL C 191 -38.32 -23.02 -17.50
C VAL C 191 -37.86 -24.38 -18.05
N VAL C 192 -38.49 -24.83 -19.15
CA VAL C 192 -38.18 -26.07 -19.86
C VAL C 192 -38.54 -25.97 -21.35
N THR C 193 -37.60 -26.33 -22.23
CA THR C 193 -37.80 -26.33 -23.68
C THR C 193 -38.17 -27.74 -24.13
N VAL C 194 -39.44 -27.91 -24.56
CA VAL C 194 -40.02 -29.20 -24.99
C VAL C 194 -40.48 -29.15 -26.47
N PRO C 195 -40.66 -30.30 -27.18
CA PRO C 195 -41.12 -30.23 -28.58
C PRO C 195 -42.52 -29.65 -28.70
N SER C 196 -42.78 -28.91 -29.81
CA SER C 196 -44.07 -28.27 -30.11
C SER C 196 -45.22 -29.26 -30.29
N SER C 197 -44.92 -30.47 -30.79
CA SER C 197 -45.88 -31.55 -31.02
C SER C 197 -46.40 -32.16 -29.71
N SER C 198 -45.60 -32.09 -28.62
CA SER C 198 -45.91 -32.61 -27.29
C SER C 198 -47.04 -31.84 -26.58
N LEU C 199 -47.33 -30.60 -27.03
CA LEU C 199 -48.39 -29.76 -26.46
C LEU C 199 -49.76 -30.30 -26.87
N GLY C 200 -50.52 -30.76 -25.87
CA GLY C 200 -51.84 -31.35 -26.07
C GLY C 200 -51.87 -32.85 -25.84
N THR C 201 -50.68 -33.49 -25.82
CA THR C 201 -50.50 -34.92 -25.61
C THR C 201 -49.80 -35.22 -24.27
N GLN C 202 -48.72 -34.46 -23.96
CA GLN C 202 -47.93 -34.60 -22.73
C GLN C 202 -48.28 -33.47 -21.76
N THR C 203 -48.61 -33.84 -20.50
CA THR C 203 -48.93 -32.89 -19.43
C THR C 203 -47.67 -32.48 -18.65
N TYR C 204 -47.56 -31.19 -18.32
CA TYR C 204 -46.41 -30.66 -17.60
C TYR C 204 -46.76 -30.08 -16.24
N ILE C 205 -46.06 -30.55 -15.18
CA ILE C 205 -46.26 -30.12 -13.80
C ILE C 205 -44.94 -29.78 -13.11
N CYS C 206 -44.88 -28.58 -12.48
CA CYS C 206 -43.70 -28.13 -11.75
C CYS C 206 -43.88 -28.39 -10.25
N ASN C 207 -43.00 -29.24 -9.69
CA ASN C 207 -43.03 -29.61 -8.28
C ASN C 207 -42.14 -28.66 -7.47
N VAL C 208 -42.77 -27.63 -6.87
CA VAL C 208 -42.08 -26.60 -6.09
C VAL C 208 -42.16 -26.94 -4.59
N ASP C 209 -40.99 -27.05 -3.94
CA ASP C 209 -40.88 -27.37 -2.52
C ASP C 209 -40.09 -26.29 -1.77
N HIS C 210 -40.71 -25.73 -0.73
CA HIS C 210 -40.12 -24.71 0.14
C HIS C 210 -40.12 -25.24 1.58
N LYS C 211 -38.99 -25.86 1.98
CA LYS C 211 -38.76 -26.48 3.27
C LYS C 211 -38.96 -25.59 4.52
N PRO C 212 -38.49 -24.31 4.60
CA PRO C 212 -38.71 -23.51 5.82
C PRO C 212 -40.16 -23.22 6.18
N SER C 213 -41.04 -23.09 5.17
CA SER C 213 -42.47 -22.85 5.37
C SER C 213 -43.28 -24.15 5.24
N ASN C 214 -42.61 -25.26 4.84
CA ASN C 214 -43.15 -26.61 4.60
C ASN C 214 -44.31 -26.60 3.58
N THR C 215 -44.09 -25.87 2.46
CA THR C 215 -45.05 -25.70 1.37
C THR C 215 -44.64 -26.51 0.14
N LYS C 216 -45.58 -27.31 -0.39
CA LYS C 216 -45.40 -28.15 -1.58
C LYS C 216 -46.55 -27.90 -2.56
N VAL C 217 -46.26 -27.22 -3.68
CA VAL C 217 -47.28 -26.88 -4.69
C VAL C 217 -46.90 -27.44 -6.06
N ASP C 218 -47.89 -28.05 -6.73
CA ASP C 218 -47.78 -28.62 -8.08
C ASP C 218 -48.76 -27.88 -9.00
N LYS C 219 -48.24 -27.29 -10.09
CA LYS C 219 -49.06 -26.53 -11.05
C LYS C 219 -49.01 -27.07 -12.47
N LYS C 220 -50.18 -27.23 -13.10
CA LYS C 220 -50.34 -27.72 -14.47
C LYS C 220 -50.08 -26.58 -15.46
N VAL C 221 -49.14 -26.80 -16.41
CA VAL C 221 -48.81 -25.81 -17.43
C VAL C 221 -49.42 -26.25 -18.76
N GLU C 222 -50.35 -25.43 -19.29
CA GLU C 222 -51.09 -25.68 -20.54
C GLU C 222 -51.46 -24.36 -21.25
N PRO C 223 -51.51 -24.33 -22.61
CA PRO C 223 -51.88 -23.08 -23.29
C PRO C 223 -53.37 -22.76 -23.24
N GLU D 1 23.80 -4.95 7.92
CA GLU D 1 23.34 -3.93 7.01
C GLU D 1 22.50 -2.98 7.85
N VAL D 2 23.09 -1.83 8.19
CA VAL D 2 22.41 -0.81 9.00
C VAL D 2 21.32 -0.13 8.14
N GLN D 3 20.08 -0.06 8.65
CA GLN D 3 18.94 0.52 7.92
C GLN D 3 18.23 1.61 8.71
N LEU D 4 17.77 2.66 7.99
CA LEU D 4 17.09 3.81 8.58
C LEU D 4 15.64 3.94 8.14
N LEU D 5 14.71 3.86 9.11
CA LEU D 5 13.27 3.96 8.89
C LEU D 5 12.74 5.30 9.42
N GLU D 6 12.10 6.09 8.54
CA GLU D 6 11.55 7.41 8.86
C GLU D 6 10.06 7.38 9.16
N SER D 7 9.66 8.00 10.28
CA SER D 7 8.28 8.09 10.74
C SER D 7 7.92 9.50 11.20
N GLY D 8 6.62 9.81 11.19
CA GLY D 8 6.09 11.11 11.58
C GLY D 8 4.91 11.56 10.74
N PRO D 9 4.15 12.61 11.18
CA PRO D 9 2.99 13.06 10.39
C PRO D 9 3.38 13.79 9.10
N GLY D 10 2.59 13.54 8.05
CA GLY D 10 2.78 14.14 6.75
C GLY D 10 2.22 15.54 6.64
N LEU D 11 1.34 15.91 7.59
CA LEU D 11 0.69 17.22 7.65
C LEU D 11 0.78 17.78 9.07
N VAL D 12 1.34 19.00 9.18
CA VAL D 12 1.52 19.73 10.44
C VAL D 12 0.86 21.11 10.31
N LYS D 13 0.06 21.52 11.30
CA LYS D 13 -0.59 22.84 11.31
C LYS D 13 0.46 23.93 11.64
N PRO D 14 0.34 25.18 11.11
CA PRO D 14 1.34 26.22 11.45
C PRO D 14 1.38 26.55 12.95
N SER D 15 2.55 27.03 13.42
CA SER D 15 2.88 27.38 14.82
C SER D 15 3.10 26.18 15.76
N GLU D 16 2.72 24.96 15.31
CA GLU D 16 2.89 23.70 16.05
C GLU D 16 4.34 23.21 15.98
N THR D 17 4.65 22.09 16.67
CA THR D 17 5.98 21.50 16.66
C THR D 17 6.03 20.28 15.74
N LEU D 18 6.95 20.31 14.77
CA LEU D 18 7.15 19.20 13.85
C LEU D 18 8.03 18.16 14.53
N SER D 19 7.48 16.95 14.72
CA SER D 19 8.17 15.83 15.34
C SER D 19 8.32 14.66 14.37
N LEU D 20 9.57 14.24 14.14
CA LEU D 20 9.90 13.12 13.26
C LEU D 20 10.82 12.12 13.95
N THR D 21 10.68 10.84 13.60
CA THR D 21 11.45 9.74 14.21
C THR D 21 12.21 8.95 13.15
N CYS D 22 13.49 8.64 13.43
CA CYS D 22 14.39 7.86 12.58
C CYS D 22 14.84 6.63 13.38
N THR D 23 14.32 5.43 13.01
CA THR D 23 14.64 4.17 13.69
C THR D 23 15.80 3.44 13.01
N VAL D 24 16.82 3.08 13.79
CA VAL D 24 18.02 2.36 13.33
C VAL D 24 17.78 0.86 13.46
N SER D 25 18.11 0.10 12.40
CA SER D 25 17.94 -1.35 12.35
C SER D 25 19.24 -2.06 11.93
N GLY D 26 19.55 -3.16 12.61
CA GLY D 26 20.72 -3.99 12.34
C GLY D 26 22.06 -3.34 12.65
N GLY D 27 22.12 -2.58 13.73
CA GLY D 27 23.33 -1.89 14.17
C GLY D 27 23.18 -1.15 15.49
N SER D 28 24.31 -0.67 16.04
CA SER D 28 24.34 0.09 17.30
C SER D 28 24.28 1.59 17.03
N ILE D 29 23.31 2.26 17.66
CA ILE D 29 23.05 3.69 17.54
C ILE D 29 24.16 4.57 18.19
N SER D 30 24.79 4.06 19.27
CA SER D 30 25.81 4.74 20.07
C SER D 30 27.10 5.12 19.33
N ASP D 31 27.58 4.25 18.42
CA ASP D 31 28.83 4.42 17.68
C ASP D 31 28.84 5.50 16.60
N PHE D 32 27.67 5.95 16.12
CA PHE D 32 27.61 6.90 15.01
C PHE D 32 26.98 8.27 15.32
N TYR D 33 27.32 9.27 14.48
CA TYR D 33 26.78 10.62 14.52
C TYR D 33 25.56 10.62 13.58
N TRP D 34 24.41 11.05 14.09
CA TRP D 34 23.16 11.05 13.32
C TRP D 34 22.72 12.45 12.96
N SER D 35 22.51 12.67 11.65
CA SER D 35 22.13 13.96 11.08
C SER D 35 20.72 13.98 10.48
N TRP D 36 20.14 15.19 10.43
CA TRP D 36 18.82 15.46 9.83
C TRP D 36 19.00 16.49 8.72
N LEU D 37 18.40 16.23 7.56
CA LEU D 37 18.48 17.09 6.38
C LEU D 37 17.10 17.29 5.77
N ARG D 38 16.92 18.34 4.96
CA ARG D 38 15.65 18.63 4.29
C ARG D 38 15.83 19.12 2.85
N GLN D 39 14.85 18.82 1.98
CA GLN D 39 14.89 19.20 0.57
C GLN D 39 13.55 19.77 0.09
N SER D 40 13.62 20.89 -0.66
CA SER D 40 12.47 21.58 -1.27
C SER D 40 12.85 22.11 -2.66
N PRO D 41 11.90 22.22 -3.63
CA PRO D 41 12.28 22.66 -4.99
C PRO D 41 12.48 24.18 -5.18
N GLY D 42 13.25 24.78 -4.27
CA GLY D 42 13.57 26.20 -4.28
C GLY D 42 14.65 26.60 -3.30
N LYS D 43 14.79 25.80 -2.22
CA LYS D 43 15.77 26.00 -1.15
C LYS D 43 16.89 24.94 -1.23
N GLY D 44 16.66 23.89 -2.01
CA GLY D 44 17.60 22.79 -2.22
C GLY D 44 17.80 21.89 -1.01
N LEU D 45 18.92 21.16 -1.01
CA LEU D 45 19.31 20.23 0.05
C LEU D 45 19.97 21.02 1.18
N GLU D 46 19.34 21.02 2.36
CA GLU D 46 19.77 21.77 3.54
C GLU D 46 20.11 20.86 4.73
N TRP D 47 21.25 21.12 5.39
CA TRP D 47 21.70 20.37 6.57
C TRP D 47 21.16 21.06 7.82
N ILE D 48 20.33 20.35 8.60
CA ILE D 48 19.69 20.90 9.80
C ILE D 48 20.65 20.84 11.02
N GLY D 49 21.28 19.69 11.21
CA GLY D 49 22.20 19.48 12.32
C GLY D 49 22.50 18.02 12.60
N TYR D 50 23.39 17.78 13.58
CA TYR D 50 23.77 16.42 14.01
C TYR D 50 23.62 16.22 15.52
N ALA D 51 23.61 14.94 15.95
CA ALA D 51 23.54 14.54 17.35
C ALA D 51 24.25 13.21 17.58
N HIS D 52 24.81 13.04 18.78
CA HIS D 52 25.50 11.83 19.21
C HIS D 52 24.96 11.43 20.59
N SER D 53 25.00 10.13 20.90
CA SER D 53 24.51 9.59 22.17
C SER D 53 25.30 10.08 23.40
N ARG D 54 26.60 10.39 23.22
CA ARG D 54 27.47 10.84 24.31
C ARG D 54 28.19 12.18 24.05
N VAL D 55 28.01 12.78 22.86
CA VAL D 55 28.61 14.07 22.48
C VAL D 55 27.49 15.10 22.23
N SER D 56 27.69 16.35 22.69
CA SER D 56 26.75 17.46 22.52
C SER D 56 26.44 17.76 21.05
N ALA D 57 25.16 17.97 20.75
CA ALA D 57 24.63 18.26 19.40
C ALA D 57 25.11 19.60 18.84
N TYR D 58 25.07 19.74 17.50
CA TYR D 58 25.43 20.95 16.78
C TYR D 58 24.41 21.18 15.67
N TYR D 59 23.85 22.41 15.61
CA TYR D 59 22.80 22.76 14.65
C TYR D 59 23.18 23.89 13.70
N ASN D 60 22.42 24.02 12.60
CA ASN D 60 22.58 25.08 11.59
C ASN D 60 22.11 26.41 12.24
N PRO D 61 22.93 27.49 12.18
CA PRO D 61 22.51 28.77 12.81
C PRO D 61 21.19 29.37 12.33
N SER D 62 20.70 28.93 11.15
CA SER D 62 19.44 29.38 10.58
C SER D 62 18.22 28.69 11.23
N LEU D 63 18.44 27.55 11.92
CA LEU D 63 17.38 26.78 12.57
C LEU D 63 17.58 26.53 14.08
N LYS D 64 18.83 26.71 14.58
CA LYS D 64 19.28 26.51 15.97
C LYS D 64 18.28 26.88 17.07
N SER D 65 17.66 28.06 16.97
CA SER D 65 16.70 28.59 17.94
C SER D 65 15.37 27.81 18.00
N ARG D 66 15.04 27.06 16.93
CA ARG D 66 13.79 26.30 16.80
C ARG D 66 13.99 24.78 16.76
N VAL D 67 15.23 24.31 16.50
CA VAL D 67 15.53 22.89 16.35
C VAL D 67 16.21 22.17 17.53
N THR D 68 15.85 20.88 17.72
CA THR D 68 16.37 19.96 18.74
C THR D 68 16.46 18.54 18.13
N ILE D 69 17.66 17.95 18.13
CA ILE D 69 17.91 16.59 17.64
C ILE D 69 18.44 15.73 18.80
N SER D 70 17.67 14.69 19.17
CA SER D 70 18.00 13.81 20.29
C SER D 70 18.17 12.35 19.87
N VAL D 71 19.13 11.66 20.53
CA VAL D 71 19.44 10.24 20.29
C VAL D 71 18.97 9.42 21.51
N ASP D 72 18.04 8.47 21.28
CA ASP D 72 17.50 7.60 22.32
C ASP D 72 18.04 6.18 22.13
N THR D 73 19.03 5.81 22.96
CA THR D 73 19.71 4.51 22.91
C THR D 73 18.80 3.33 23.27
N SER D 74 17.93 3.50 24.29
CA SER D 74 17.00 2.47 24.75
C SER D 74 15.94 2.14 23.69
N LYS D 75 15.39 3.18 23.03
CA LYS D 75 14.37 3.05 21.98
C LYS D 75 14.99 2.81 20.59
N ASN D 76 16.34 2.93 20.48
CA ASN D 76 17.14 2.75 19.26
C ASN D 76 16.67 3.67 18.09
N GLN D 77 16.34 4.93 18.43
CA GLN D 77 15.84 5.92 17.46
C GLN D 77 16.39 7.34 17.67
N ILE D 78 16.36 8.16 16.60
CA ILE D 78 16.80 9.57 16.58
C ILE D 78 15.59 10.44 16.29
N SER D 79 15.36 11.47 17.12
CA SER D 79 14.23 12.38 16.98
C SER D 79 14.63 13.77 16.47
N LEU D 80 13.71 14.43 15.74
CA LEU D 80 13.87 15.79 15.21
C LEU D 80 12.67 16.61 15.68
N ARG D 81 12.93 17.70 16.41
CA ARG D 81 11.88 18.59 16.90
C ARG D 81 12.11 20.01 16.39
N LEU D 82 11.18 20.49 15.56
CA LEU D 82 11.21 21.83 14.96
C LEU D 82 9.96 22.60 15.38
N SER D 83 10.14 23.56 16.29
CA SER D 83 9.06 24.39 16.84
C SER D 83 8.74 25.62 15.97
N ALA D 84 7.50 26.15 16.13
CA ALA D 84 6.92 27.31 15.43
C ALA D 84 7.04 27.22 13.90
N VAL D 85 6.58 26.08 13.33
CA VAL D 85 6.63 25.81 11.89
C VAL D 85 5.71 26.69 11.06
N THR D 86 6.17 27.06 9.86
CA THR D 86 5.45 27.86 8.87
C THR D 86 5.57 27.16 7.50
N ALA D 87 4.91 27.70 6.46
CA ALA D 87 4.93 27.15 5.09
C ALA D 87 6.34 27.01 4.52
N ALA D 88 7.31 27.79 5.05
CA ALA D 88 8.71 27.77 4.65
C ALA D 88 9.40 26.47 5.09
N ASP D 89 8.83 25.76 6.08
CA ASP D 89 9.35 24.50 6.62
C ASP D 89 8.82 23.26 5.86
N THR D 90 7.96 23.47 4.84
CA THR D 90 7.41 22.42 4.00
C THR D 90 8.55 21.88 3.13
N ALA D 91 8.99 20.65 3.43
CA ALA D 91 10.10 19.99 2.73
C ALA D 91 10.07 18.47 2.91
N LEU D 92 10.92 17.76 2.16
CA LEU D 92 11.10 16.32 2.23
C LEU D 92 12.26 16.14 3.20
N TYR D 93 11.97 15.68 4.42
CA TYR D 93 12.94 15.50 5.50
C TYR D 93 13.63 14.14 5.46
N TYR D 94 14.97 14.14 5.58
CA TYR D 94 15.81 12.96 5.57
C TYR D 94 16.62 12.82 6.85
N CYS D 95 16.79 11.58 7.33
CA CYS D 95 17.66 11.28 8.46
C CYS D 95 18.84 10.49 7.89
N ALA D 96 20.07 10.90 8.23
CA ALA D 96 21.27 10.27 7.69
C ALA D 96 22.40 10.12 8.70
N ARG D 97 23.38 9.26 8.39
CA ARG D 97 24.55 9.04 9.22
C ARG D 97 25.65 9.99 8.76
N GLN D 98 26.18 10.80 9.69
CA GLN D 98 27.27 11.73 9.40
C GLN D 98 28.57 11.01 9.74
N GLY D 99 29.35 10.70 8.72
CA GLY D 99 30.61 9.98 8.83
C GLY D 99 31.72 10.67 9.61
N THR D 100 32.64 9.86 10.16
CA THR D 100 33.79 10.30 10.94
C THR D 100 35.07 9.72 10.29
N GLY D 101 36.19 9.80 11.00
CA GLY D 101 37.47 9.27 10.56
C GLY D 101 37.52 7.75 10.55
N THR D 102 36.71 7.10 11.41
CA THR D 102 36.64 5.64 11.55
C THR D 102 35.27 5.05 11.17
N THR D 103 34.19 5.84 11.34
CA THR D 103 32.82 5.40 11.01
C THR D 103 32.30 6.02 9.72
N GLY D 104 31.52 5.24 8.98
CA GLY D 104 30.97 5.66 7.70
C GLY D 104 32.00 5.55 6.59
N VAL D 105 31.79 6.26 5.48
CA VAL D 105 32.71 6.25 4.34
C VAL D 105 33.90 7.18 4.62
N SER D 106 33.62 8.43 5.03
CA SER D 106 34.62 9.46 5.34
C SER D 106 34.06 10.52 6.28
N GLU D 107 34.93 11.40 6.83
CA GLU D 107 34.55 12.48 7.74
C GLU D 107 33.62 13.48 7.06
N ASP D 108 32.46 13.72 7.70
CA ASP D 108 31.41 14.64 7.27
C ASP D 108 30.78 14.38 5.89
N SER D 109 30.63 13.09 5.54
CA SER D 109 29.96 12.64 4.33
C SER D 109 28.73 11.84 4.75
N PHE D 110 27.67 11.84 3.94
CA PHE D 110 26.44 11.12 4.27
C PHE D 110 26.32 9.89 3.38
N ASP D 111 26.67 8.70 3.94
CA ASP D 111 26.64 7.42 3.22
C ASP D 111 25.31 6.70 3.39
N LEU D 112 24.81 6.64 4.64
CA LEU D 112 23.54 6.00 4.98
C LEU D 112 22.47 7.05 4.99
N TRP D 113 21.33 6.79 4.32
CA TRP D 113 20.20 7.71 4.24
C TRP D 113 18.88 6.98 4.48
N GLY D 114 17.89 7.70 4.99
CA GLY D 114 16.54 7.19 5.19
C GLY D 114 15.76 7.29 3.90
N GLN D 115 14.53 6.76 3.89
CA GLN D 115 13.67 6.79 2.70
C GLN D 115 13.16 8.20 2.35
N GLY D 116 12.96 9.03 3.36
CA GLY D 116 12.46 10.39 3.20
C GLY D 116 11.01 10.51 3.61
N THR D 117 10.67 11.60 4.30
CA THR D 117 9.31 11.87 4.77
C THR D 117 8.82 13.23 4.31
N LYS D 118 7.72 13.24 3.53
CA LYS D 118 7.11 14.46 3.00
C LYS D 118 6.33 15.15 4.11
N VAL D 119 6.75 16.38 4.48
CA VAL D 119 6.08 17.16 5.51
C VAL D 119 5.49 18.43 4.88
N ILE D 120 4.16 18.58 4.98
CA ILE D 120 3.44 19.73 4.46
C ILE D 120 2.90 20.56 5.63
N VAL D 121 3.28 21.85 5.69
CA VAL D 121 2.82 22.77 6.73
C VAL D 121 1.65 23.59 6.20
N SER D 122 0.44 23.26 6.66
CA SER D 122 -0.80 23.92 6.25
C SER D 122 -1.89 23.82 7.31
N LEU D 123 -2.75 24.85 7.37
CA LEU D 123 -3.89 24.93 8.30
C LEU D 123 -5.16 24.43 7.61
N ALA D 124 -5.10 24.21 6.28
CA ALA D 124 -6.20 23.76 5.42
C ALA D 124 -6.82 22.43 5.88
N SER D 125 -8.17 22.38 5.84
CA SER D 125 -8.99 21.23 6.22
C SER D 125 -9.12 20.25 5.06
N THR D 126 -9.47 18.99 5.39
CA THR D 126 -9.66 17.93 4.39
C THR D 126 -10.97 18.19 3.63
N LYS D 127 -10.88 18.26 2.29
CA LYS D 127 -12.01 18.49 1.41
C LYS D 127 -11.95 17.57 0.20
N GLY D 128 -13.10 16.97 -0.14
CA GLY D 128 -13.26 16.08 -1.27
C GLY D 128 -13.20 16.80 -2.60
N PRO D 129 -12.73 16.13 -3.68
CA PRO D 129 -12.63 16.81 -4.97
C PRO D 129 -13.93 16.81 -5.78
N SER D 130 -14.05 17.79 -6.69
CA SER D 130 -15.17 17.94 -7.60
C SER D 130 -14.65 17.69 -9.02
N VAL D 131 -15.08 16.58 -9.64
CA VAL D 131 -14.61 16.20 -10.97
C VAL D 131 -15.54 16.64 -12.10
N PHE D 132 -14.96 17.24 -13.16
CA PHE D 132 -15.70 17.75 -14.31
C PHE D 132 -15.10 17.22 -15.63
N PRO D 133 -15.93 16.81 -16.62
CA PRO D 133 -15.37 16.27 -17.87
C PRO D 133 -14.88 17.32 -18.86
N LEU D 134 -13.71 17.08 -19.45
CA LEU D 134 -13.10 17.94 -20.48
C LEU D 134 -13.42 17.27 -21.82
N ALA D 135 -14.66 17.48 -22.31
CA ALA D 135 -15.24 16.92 -23.53
C ALA D 135 -14.44 17.19 -24.82
N PRO D 136 -14.32 16.19 -25.73
CA PRO D 136 -13.57 16.42 -26.98
C PRO D 136 -14.40 17.08 -28.09
N SER D 137 -13.77 17.37 -29.24
CA SER D 137 -14.42 17.99 -30.40
C SER D 137 -14.13 17.20 -31.68
N SER D 138 -15.01 17.35 -32.70
CA SER D 138 -14.89 16.67 -34.00
C SER D 138 -14.52 17.66 -35.10
N THR D 145 -5.97 12.14 -34.27
CA THR D 145 -6.43 11.70 -32.96
C THR D 145 -7.09 12.82 -32.16
N ALA D 146 -8.04 12.46 -31.27
CA ALA D 146 -8.78 13.39 -30.42
C ALA D 146 -8.34 13.32 -28.95
N ALA D 147 -8.41 14.45 -28.24
CA ALA D 147 -8.03 14.53 -26.83
C ALA D 147 -9.22 14.85 -25.92
N LEU D 148 -9.33 14.11 -24.81
CA LEU D 148 -10.37 14.26 -23.80
C LEU D 148 -9.78 14.04 -22.40
N GLY D 149 -10.35 14.71 -21.39
CA GLY D 149 -9.87 14.60 -20.02
C GLY D 149 -10.88 14.82 -18.92
N CYS D 150 -10.37 14.96 -17.69
CA CYS D 150 -11.13 15.21 -16.46
C CYS D 150 -10.44 16.27 -15.61
N LEU D 151 -11.22 17.20 -15.05
CA LEU D 151 -10.72 18.28 -14.20
C LEU D 151 -11.06 18.01 -12.73
N VAL D 152 -10.06 17.59 -11.95
CA VAL D 152 -10.15 17.30 -10.51
C VAL D 152 -9.90 18.63 -9.80
N LYS D 153 -11.00 19.36 -9.47
CA LYS D 153 -10.92 20.68 -8.86
C LYS D 153 -11.28 20.76 -7.38
N ASP D 154 -10.61 21.69 -6.66
CA ASP D 154 -10.80 22.04 -5.25
C ASP D 154 -10.78 20.88 -4.25
N TYR D 155 -9.58 20.49 -3.79
CA TYR D 155 -9.38 19.42 -2.82
C TYR D 155 -8.14 19.64 -1.93
N PHE D 156 -8.14 19.00 -0.75
CA PHE D 156 -7.04 19.03 0.21
C PHE D 156 -7.09 17.80 1.12
N PRO D 157 -5.95 17.12 1.38
CA PRO D 157 -4.59 17.35 0.86
C PRO D 157 -4.28 16.53 -0.38
N GLU D 158 -3.00 16.43 -0.76
CA GLU D 158 -2.54 15.63 -1.90
C GLU D 158 -2.27 14.20 -1.41
N PRO D 159 -2.37 13.14 -2.24
CA PRO D 159 -2.63 13.10 -3.68
C PRO D 159 -4.02 12.61 -4.09
N VAL D 160 -4.26 12.53 -5.42
CA VAL D 160 -5.47 11.99 -6.05
C VAL D 160 -5.08 10.94 -7.08
N THR D 161 -5.64 9.73 -6.95
CA THR D 161 -5.35 8.62 -7.87
C THR D 161 -6.35 8.67 -9.03
N VAL D 162 -5.87 9.03 -10.23
CA VAL D 162 -6.71 9.14 -11.43
C VAL D 162 -6.29 8.08 -12.46
N SER D 163 -7.24 7.20 -12.82
CA SER D 163 -7.07 6.12 -13.80
C SER D 163 -8.23 6.17 -14.80
N TRP D 164 -7.99 5.66 -16.03
CA TRP D 164 -9.02 5.66 -17.08
C TRP D 164 -9.53 4.25 -17.37
N ASN D 165 -10.88 4.10 -17.42
CA ASN D 165 -11.61 2.86 -17.67
C ASN D 165 -11.23 1.73 -16.69
N SER D 166 -11.13 2.08 -15.38
CA SER D 166 -10.78 1.21 -14.27
C SER D 166 -9.40 0.51 -14.39
N GLY D 167 -8.46 1.20 -15.05
CA GLY D 167 -7.10 0.71 -15.25
C GLY D 167 -6.81 0.11 -16.61
N ALA D 168 -7.84 -0.05 -17.47
CA ALA D 168 -7.72 -0.63 -18.81
C ALA D 168 -6.96 0.28 -19.78
N LEU D 169 -7.07 1.60 -19.61
CA LEU D 169 -6.39 2.59 -20.45
C LEU D 169 -5.08 3.03 -19.81
N THR D 170 -3.98 2.90 -20.56
CA THR D 170 -2.64 3.30 -20.12
C THR D 170 -1.98 4.22 -21.15
N SER D 171 -2.06 3.87 -22.45
CA SER D 171 -1.47 4.62 -23.56
C SER D 171 -2.13 6.00 -23.75
N GLY D 172 -1.30 7.03 -23.88
CA GLY D 172 -1.73 8.41 -24.08
C GLY D 172 -2.21 9.16 -22.85
N VAL D 173 -2.26 8.48 -21.68
CA VAL D 173 -2.71 9.05 -20.42
C VAL D 173 -1.66 10.01 -19.84
N HIS D 174 -2.08 11.24 -19.50
CA HIS D 174 -1.23 12.27 -18.91
C HIS D 174 -1.89 12.91 -17.69
N THR D 175 -1.49 12.47 -16.48
CA THR D 175 -1.99 13.01 -15.22
C THR D 175 -1.00 14.08 -14.77
N PHE D 176 -1.40 15.35 -14.91
CA PHE D 176 -0.58 16.52 -14.60
C PHE D 176 -0.39 16.76 -13.10
N PRO D 177 0.79 17.28 -12.66
CA PRO D 177 0.97 17.57 -11.23
C PRO D 177 0.00 18.67 -10.78
N ALA D 178 -0.52 18.54 -9.54
CA ALA D 178 -1.49 19.49 -8.98
C ALA D 178 -0.88 20.86 -8.71
N VAL D 179 -1.71 21.91 -8.87
CA VAL D 179 -1.32 23.31 -8.62
C VAL D 179 -2.12 23.86 -7.44
N LEU D 180 -1.45 24.59 -6.54
CA LEU D 180 -2.08 25.17 -5.37
C LEU D 180 -2.76 26.50 -5.73
N GLN D 181 -4.10 26.51 -5.63
CA GLN D 181 -4.95 27.67 -5.92
C GLN D 181 -4.80 28.76 -4.85
N SER D 182 -5.33 29.97 -5.14
CA SER D 182 -5.31 31.14 -4.25
C SER D 182 -6.08 30.85 -2.96
N SER D 183 -7.14 30.01 -3.04
CA SER D 183 -8.00 29.60 -1.93
C SER D 183 -7.27 28.70 -0.91
N GLY D 184 -6.25 27.98 -1.37
CA GLY D 184 -5.47 27.05 -0.56
C GLY D 184 -5.74 25.59 -0.90
N LEU D 185 -6.59 25.38 -1.93
CA LEU D 185 -6.99 24.07 -2.44
C LEU D 185 -6.16 23.67 -3.67
N TYR D 186 -6.17 22.38 -4.02
CA TYR D 186 -5.44 21.87 -5.19
C TYR D 186 -6.34 21.66 -6.39
N SER D 187 -5.78 21.86 -7.60
CA SER D 187 -6.47 21.67 -8.87
C SER D 187 -5.62 20.78 -9.77
N LEU D 188 -6.21 19.68 -10.26
CA LEU D 188 -5.54 18.69 -11.11
C LEU D 188 -6.31 18.45 -12.41
N SER D 189 -5.59 18.08 -13.48
CA SER D 189 -6.15 17.75 -14.78
C SER D 189 -5.48 16.50 -15.33
N SER D 190 -6.30 15.52 -15.77
CA SER D 190 -5.81 14.26 -16.33
C SER D 190 -6.41 14.08 -17.71
N VAL D 191 -5.56 14.01 -18.75
CA VAL D 191 -5.98 13.88 -20.15
C VAL D 191 -5.56 12.54 -20.79
N VAL D 192 -6.15 12.24 -21.97
CA VAL D 192 -5.86 11.04 -22.76
C VAL D 192 -6.12 11.30 -24.26
N THR D 193 -5.14 10.95 -25.11
CA THR D 193 -5.26 11.09 -26.56
C THR D 193 -5.69 9.75 -27.16
N VAL D 194 -6.92 9.71 -27.67
CA VAL D 194 -7.55 8.51 -28.26
C VAL D 194 -7.90 8.71 -29.75
N PRO D 195 -8.11 7.64 -30.57
CA PRO D 195 -8.47 7.88 -31.99
C PRO D 195 -9.82 8.56 -32.15
N SER D 196 -9.96 9.40 -33.20
CA SER D 196 -11.17 10.17 -33.51
C SER D 196 -12.38 9.27 -33.86
N SER D 197 -12.12 8.09 -34.44
CA SER D 197 -13.13 7.11 -34.83
C SER D 197 -13.79 6.43 -33.61
N SER D 198 -13.05 6.34 -32.48
CA SER D 198 -13.51 5.73 -31.24
C SER D 198 -14.64 6.51 -30.53
N LEU D 199 -14.79 7.81 -30.87
CA LEU D 199 -15.82 8.67 -30.29
C LEU D 199 -17.20 8.26 -30.83
N GLY D 200 -18.05 7.78 -29.93
CA GLY D 200 -19.39 7.30 -30.26
C GLY D 200 -19.53 5.80 -30.17
N THR D 201 -18.38 5.07 -30.14
CA THR D 201 -18.32 3.62 -30.05
C THR D 201 -17.73 3.16 -28.70
N GLN D 202 -16.63 3.81 -28.27
CA GLN D 202 -15.95 3.51 -27.01
C GLN D 202 -16.27 4.57 -25.95
N THR D 203 -16.71 4.12 -24.75
CA THR D 203 -17.05 4.99 -23.62
C THR D 203 -15.82 5.23 -22.73
N TYR D 204 -15.65 6.48 -22.28
CA TYR D 204 -14.51 6.87 -21.44
C TYR D 204 -14.92 7.35 -20.06
N ILE D 205 -14.33 6.74 -19.01
CA ILE D 205 -14.58 7.06 -17.61
C ILE D 205 -13.30 7.26 -16.81
N CYS D 206 -13.21 8.37 -16.07
CA CYS D 206 -12.04 8.67 -15.23
C CYS D 206 -12.34 8.31 -13.77
N ASN D 207 -11.57 7.35 -13.24
CA ASN D 207 -11.72 6.86 -11.87
C ASN D 207 -10.82 7.67 -10.93
N VAL D 208 -11.41 8.68 -10.28
CA VAL D 208 -10.72 9.59 -9.36
C VAL D 208 -10.91 9.13 -7.92
N ASP D 209 -9.80 8.88 -7.21
CA ASP D 209 -9.80 8.43 -5.82
C ASP D 209 -9.00 9.37 -4.93
N HIS D 210 -9.65 9.88 -3.87
CA HIS D 210 -9.03 10.76 -2.87
C HIS D 210 -9.18 10.10 -1.51
N LYS D 211 -8.13 9.35 -1.10
CA LYS D 211 -8.06 8.59 0.15
C LYS D 211 -8.27 9.38 1.46
N PRO D 212 -7.70 10.60 1.69
CA PRO D 212 -7.93 11.29 2.98
C PRO D 212 -9.38 11.68 3.26
N SER D 213 -10.17 11.97 2.22
CA SER D 213 -11.59 12.32 2.36
C SER D 213 -12.50 11.13 2.04
N ASN D 214 -11.89 10.01 1.57
CA ASN D 214 -12.53 8.73 1.19
C ASN D 214 -13.60 8.94 0.11
N THR D 215 -13.24 9.73 -0.93
CA THR D 215 -14.10 10.09 -2.06
C THR D 215 -13.66 9.34 -3.33
N LYS D 216 -14.63 8.66 -3.99
CA LYS D 216 -14.43 7.91 -5.22
C LYS D 216 -15.49 8.33 -6.24
N VAL D 217 -15.07 9.09 -7.28
CA VAL D 217 -15.99 9.58 -8.32
C VAL D 217 -15.58 9.11 -9.71
N ASP D 218 -16.55 8.63 -10.50
CA ASP D 218 -16.40 8.17 -11.88
C ASP D 218 -17.25 9.06 -12.79
N LYS D 219 -16.62 9.70 -13.79
CA LYS D 219 -17.33 10.60 -14.72
C LYS D 219 -17.21 10.18 -16.17
N LYS D 220 -18.35 10.16 -16.88
CA LYS D 220 -18.45 9.81 -18.30
C LYS D 220 -18.04 10.99 -19.16
N VAL D 221 -17.07 10.79 -20.07
CA VAL D 221 -16.59 11.85 -20.98
C VAL D 221 -17.15 11.56 -22.38
N GLU D 222 -17.99 12.48 -22.89
CA GLU D 222 -18.64 12.39 -24.19
C GLU D 222 -18.89 13.79 -24.80
N PRO D 223 -18.85 13.95 -26.16
CA PRO D 223 -19.08 15.28 -26.74
C PRO D 223 -20.55 15.69 -26.76
N GLU E 2 -4.27 -1.82 4.70
CA GLU E 2 -3.96 -3.23 4.42
C GLU E 2 -3.25 -3.43 3.07
N LEU E 3 -2.50 -4.54 2.97
CA LEU E 3 -1.75 -4.94 1.79
C LEU E 3 -2.70 -5.41 0.68
N GLN E 4 -2.78 -4.64 -0.42
CA GLN E 4 -3.67 -4.94 -1.54
C GLN E 4 -3.08 -5.93 -2.54
N MET E 5 -3.89 -6.95 -2.90
CA MET E 5 -3.51 -8.00 -3.85
C MET E 5 -4.40 -7.89 -5.09
N THR E 6 -3.79 -7.71 -6.26
CA THR E 6 -4.50 -7.56 -7.54
C THR E 6 -4.30 -8.78 -8.43
N GLN E 7 -5.41 -9.45 -8.79
CA GLN E 7 -5.41 -10.63 -9.66
C GLN E 7 -5.99 -10.29 -11.02
N SER E 8 -5.25 -10.63 -12.09
CA SER E 8 -5.66 -10.37 -13.48
C SER E 8 -5.49 -11.58 -14.40
N PRO E 9 -6.51 -11.93 -15.23
CA PRO E 9 -7.84 -11.29 -15.34
C PRO E 9 -8.80 -11.76 -14.25
N SER E 10 -10.00 -11.16 -14.19
CA SER E 10 -11.03 -11.55 -13.21
C SER E 10 -11.73 -12.82 -13.70
N SER E 11 -11.91 -12.93 -15.03
CA SER E 11 -12.52 -14.06 -15.74
C SER E 11 -11.62 -14.45 -16.89
N LEU E 12 -11.46 -15.77 -17.11
CA LEU E 12 -10.62 -16.33 -18.16
C LEU E 12 -11.35 -17.44 -18.89
N SER E 13 -11.44 -17.32 -20.22
CA SER E 13 -12.08 -18.31 -21.08
C SER E 13 -10.98 -19.11 -21.78
N ALA E 14 -10.92 -20.42 -21.47
CA ALA E 14 -9.91 -21.34 -21.99
C ALA E 14 -10.46 -22.69 -22.41
N SER E 15 -9.66 -23.44 -23.18
CA SER E 15 -10.01 -24.77 -23.68
C SER E 15 -9.13 -25.82 -23.01
N VAL E 16 -9.60 -27.08 -22.99
CA VAL E 16 -8.84 -28.18 -22.38
C VAL E 16 -7.56 -28.47 -23.18
N GLY E 17 -6.44 -28.55 -22.47
CA GLY E 17 -5.12 -28.80 -23.03
C GLY E 17 -4.27 -27.56 -23.22
N ASP E 18 -4.86 -26.37 -23.01
CA ASP E 18 -4.20 -25.06 -23.14
C ASP E 18 -3.34 -24.75 -21.92
N ARG E 19 -2.31 -23.91 -22.12
CA ARG E 19 -1.42 -23.46 -21.05
C ARG E 19 -2.00 -22.16 -20.52
N VAL E 20 -2.48 -22.17 -19.26
CA VAL E 20 -3.07 -20.97 -18.65
C VAL E 20 -2.17 -20.35 -17.58
N THR E 21 -2.03 -19.02 -17.62
CA THR E 21 -1.21 -18.26 -16.68
C THR E 21 -2.06 -17.25 -15.92
N ILE E 22 -2.09 -17.39 -14.59
CA ILE E 22 -2.85 -16.52 -13.69
C ILE E 22 -1.85 -15.61 -12.96
N THR E 23 -2.01 -14.28 -13.08
CA THR E 23 -1.12 -13.32 -12.43
C THR E 23 -1.68 -12.76 -11.12
N CYS E 24 -0.78 -12.47 -10.17
CA CYS E 24 -1.09 -11.92 -8.85
C CYS E 24 -0.04 -10.85 -8.52
N ARG E 25 -0.49 -9.59 -8.37
CA ARG E 25 0.38 -8.43 -8.09
C ARG E 25 0.14 -7.88 -6.68
N ALA E 26 1.24 -7.63 -5.94
CA ALA E 26 1.23 -7.08 -4.58
C ALA E 26 1.64 -5.61 -4.59
N SER E 27 1.05 -4.80 -3.68
CA SER E 27 1.36 -3.36 -3.56
C SER E 27 2.70 -3.11 -2.86
N GLN E 28 3.19 -4.10 -2.07
CA GLN E 28 4.46 -4.07 -1.34
C GLN E 28 5.26 -5.33 -1.67
N ASP E 29 6.58 -5.35 -1.34
CA ASP E 29 7.42 -6.52 -1.55
C ASP E 29 7.05 -7.55 -0.48
N ILE E 30 6.53 -8.71 -0.92
CA ILE E 30 6.10 -9.78 -0.03
C ILE E 30 7.03 -11.01 -0.06
N SER E 31 8.26 -10.84 -0.59
CA SER E 31 9.30 -11.87 -0.74
C SER E 31 8.71 -13.08 -1.51
N ILE E 32 8.67 -14.27 -0.90
CA ILE E 32 8.09 -15.48 -1.48
C ILE E 32 6.87 -15.92 -0.65
N ARG E 33 6.41 -15.04 0.26
CA ARG E 33 5.27 -15.28 1.15
C ARG E 33 3.91 -15.16 0.45
N LEU E 34 3.64 -16.09 -0.49
CA LEU E 34 2.40 -16.16 -1.26
C LEU E 34 1.93 -17.60 -1.45
N ASN E 35 0.61 -17.83 -1.26
CA ASN E 35 -0.03 -19.13 -1.41
C ASN E 35 -1.12 -19.08 -2.50
N TRP E 36 -1.33 -20.21 -3.20
CA TRP E 36 -2.33 -20.35 -4.26
C TRP E 36 -3.42 -21.34 -3.85
N TYR E 37 -4.68 -20.99 -4.15
CA TYR E 37 -5.86 -21.80 -3.80
C TYR E 37 -6.76 -22.04 -5.02
N GLN E 38 -7.46 -23.19 -5.02
CA GLN E 38 -8.42 -23.58 -6.06
C GLN E 38 -9.79 -23.73 -5.41
N GLN E 39 -10.83 -23.10 -5.98
CA GLN E 39 -12.18 -23.19 -5.46
C GLN E 39 -13.19 -23.57 -6.54
N LYS E 40 -13.85 -24.73 -6.35
CA LYS E 40 -14.88 -25.26 -7.24
C LYS E 40 -16.26 -24.88 -6.67
N PRO E 41 -17.31 -24.67 -7.51
CA PRO E 41 -18.63 -24.28 -6.97
C PRO E 41 -19.21 -25.23 -5.92
N GLY E 42 -19.63 -24.65 -4.79
CA GLY E 42 -20.19 -25.38 -3.67
C GLY E 42 -19.18 -25.91 -2.67
N LYS E 43 -17.89 -25.93 -3.06
CA LYS E 43 -16.78 -26.43 -2.26
C LYS E 43 -15.93 -25.30 -1.65
N ALA E 44 -15.22 -25.63 -0.57
CA ALA E 44 -14.31 -24.72 0.14
C ALA E 44 -13.01 -24.57 -0.65
N PRO E 45 -12.24 -23.45 -0.51
CA PRO E 45 -10.97 -23.32 -1.25
C PRO E 45 -9.95 -24.38 -0.83
N LYS E 46 -9.22 -24.93 -1.81
CA LYS E 46 -8.21 -25.98 -1.62
C LYS E 46 -6.83 -25.44 -1.97
N LEU E 47 -5.85 -25.58 -1.05
CA LEU E 47 -4.48 -25.13 -1.24
C LEU E 47 -3.75 -25.97 -2.28
N LEU E 48 -3.13 -25.30 -3.27
CA LEU E 48 -2.37 -25.95 -4.35
C LEU E 48 -0.87 -25.72 -4.16
N ILE E 49 -0.46 -24.43 -4.11
CA ILE E 49 0.93 -24.02 -3.99
C ILE E 49 1.13 -23.09 -2.79
N TYR E 50 2.22 -23.31 -2.04
CA TYR E 50 2.60 -22.50 -0.89
C TYR E 50 4.04 -22.00 -1.07
N ASP E 51 4.43 -20.92 -0.36
CA ASP E 51 5.76 -20.29 -0.44
C ASP E 51 6.15 -19.96 -1.89
N ALA E 52 5.19 -19.38 -2.63
CA ALA E 52 5.26 -18.95 -4.04
C ALA E 52 5.49 -20.04 -5.10
N SER E 53 6.29 -21.08 -4.79
CA SER E 53 6.61 -22.15 -5.75
C SER E 53 6.46 -23.61 -5.27
N THR E 54 6.37 -23.85 -3.94
CA THR E 54 6.26 -25.22 -3.41
C THR E 54 4.88 -25.82 -3.63
N LEU E 55 4.84 -26.98 -4.30
CA LEU E 55 3.62 -27.72 -4.60
C LEU E 55 3.19 -28.58 -3.41
N GLU E 56 1.88 -28.58 -3.12
CA GLU E 56 1.32 -29.39 -2.03
C GLU E 56 1.23 -30.85 -2.46
N SER E 57 1.26 -31.79 -1.48
CA SER E 57 1.17 -33.23 -1.75
C SER E 57 -0.21 -33.60 -2.28
N GLY E 58 -0.23 -34.38 -3.36
CA GLY E 58 -1.45 -34.82 -4.01
C GLY E 58 -1.85 -33.98 -5.21
N VAL E 59 -1.37 -32.71 -5.26
CA VAL E 59 -1.65 -31.75 -6.34
C VAL E 59 -0.89 -32.20 -7.62
N PRO E 60 -1.57 -32.29 -8.80
CA PRO E 60 -0.87 -32.74 -10.02
C PRO E 60 0.29 -31.85 -10.46
N SER E 61 1.27 -32.46 -11.17
CA SER E 61 2.48 -31.82 -11.69
C SER E 61 2.24 -30.66 -12.69
N ARG E 62 1.03 -30.60 -13.31
CA ARG E 62 0.66 -29.56 -14.26
C ARG E 62 0.60 -28.16 -13.62
N PHE E 63 0.31 -28.10 -12.31
CA PHE E 63 0.24 -26.86 -11.54
C PHE E 63 1.63 -26.41 -11.14
N SER E 64 1.95 -25.14 -11.44
CA SER E 64 3.26 -24.54 -11.18
C SER E 64 3.12 -23.12 -10.63
N GLY E 65 3.99 -22.77 -9.70
CA GLY E 65 4.04 -21.47 -9.07
C GLY E 65 5.37 -20.78 -9.29
N SER E 66 5.34 -19.46 -9.57
CA SER E 66 6.53 -18.65 -9.82
C SER E 66 6.35 -17.21 -9.36
N GLY E 67 7.48 -16.53 -9.12
CA GLY E 67 7.49 -15.13 -8.71
C GLY E 67 8.13 -14.83 -7.38
N SER E 68 8.48 -13.55 -7.17
CA SER E 68 9.11 -13.03 -5.96
C SER E 68 8.90 -11.51 -5.87
N GLY E 69 8.66 -11.02 -4.66
CA GLY E 69 8.46 -9.60 -4.40
C GLY E 69 7.05 -9.10 -4.64
N THR E 70 6.77 -8.63 -5.87
CA THR E 70 5.46 -8.08 -6.24
C THR E 70 4.72 -8.88 -7.31
N ASP E 71 5.44 -9.33 -8.36
CA ASP E 71 4.84 -10.10 -9.46
C ASP E 71 4.93 -11.60 -9.25
N PHE E 72 3.76 -12.29 -9.31
CA PHE E 72 3.62 -13.73 -9.11
C PHE E 72 2.72 -14.36 -10.17
N THR E 73 3.02 -15.63 -10.56
CA THR E 73 2.26 -16.37 -11.56
C THR E 73 1.93 -17.81 -11.18
N LEU E 74 0.73 -18.27 -11.55
CA LEU E 74 0.25 -19.64 -11.38
C LEU E 74 0.07 -20.20 -12.79
N THR E 75 0.77 -21.30 -13.11
CA THR E 75 0.73 -21.89 -14.44
C THR E 75 0.20 -23.32 -14.45
N ILE E 76 -0.82 -23.57 -15.29
CA ILE E 76 -1.38 -24.90 -15.54
C ILE E 76 -0.90 -25.23 -16.95
N SER E 77 0.21 -26.00 -17.05
CA SER E 77 0.89 -26.41 -18.29
C SER E 77 -0.05 -26.93 -19.38
N SER E 78 -0.98 -27.81 -19.00
CA SER E 78 -1.99 -28.39 -19.89
C SER E 78 -3.29 -28.53 -19.09
N LEU E 79 -4.27 -27.66 -19.36
CA LEU E 79 -5.56 -27.60 -18.67
C LEU E 79 -6.40 -28.87 -18.85
N GLN E 80 -6.87 -29.44 -17.75
CA GLN E 80 -7.69 -30.66 -17.72
C GLN E 80 -9.17 -30.31 -17.43
N PRO E 81 -10.17 -31.18 -17.81
CA PRO E 81 -11.59 -30.83 -17.56
C PRO E 81 -11.99 -30.55 -16.11
N GLU E 82 -11.24 -31.09 -15.15
CA GLU E 82 -11.49 -30.89 -13.71
C GLU E 82 -10.90 -29.57 -13.18
N ASP E 83 -10.03 -28.91 -13.97
CA ASP E 83 -9.36 -27.65 -13.61
C ASP E 83 -10.21 -26.38 -13.74
N PHE E 84 -11.44 -26.48 -14.32
CA PHE E 84 -12.32 -25.33 -14.46
C PHE E 84 -12.87 -24.93 -13.09
N ALA E 85 -12.24 -23.90 -12.49
CA ALA E 85 -12.56 -23.39 -11.16
C ALA E 85 -12.07 -21.94 -11.00
N THR E 86 -12.27 -21.35 -9.80
CA THR E 86 -11.83 -20.00 -9.46
C THR E 86 -10.53 -20.11 -8.64
N TYR E 87 -9.44 -19.48 -9.12
CA TYR E 87 -8.13 -19.53 -8.49
C TYR E 87 -7.82 -18.25 -7.71
N TYR E 88 -7.43 -18.38 -6.43
CA TYR E 88 -7.12 -17.28 -5.53
C TYR E 88 -5.67 -17.29 -5.07
N CYS E 89 -5.07 -16.08 -4.93
CA CYS E 89 -3.72 -15.91 -4.38
C CYS E 89 -3.83 -15.25 -3.02
N GLN E 90 -2.99 -15.68 -2.06
CA GLN E 90 -3.02 -15.16 -0.69
C GLN E 90 -1.61 -14.83 -0.18
N GLN E 91 -1.44 -13.61 0.37
CA GLN E 91 -0.18 -13.17 0.94
C GLN E 91 -0.16 -13.43 2.46
N PHE E 92 1.05 -13.54 3.04
CA PHE E 92 1.21 -13.74 4.48
C PHE E 92 2.44 -13.01 5.06
N ASN E 93 2.94 -11.99 4.33
CA ASN E 93 4.08 -11.18 4.74
C ASN E 93 3.69 -10.21 5.86
N SER E 94 2.52 -9.56 5.73
CA SER E 94 2.01 -8.61 6.72
C SER E 94 0.53 -8.83 7.04
N TYR E 95 0.11 -8.44 8.25
CA TYR E 95 -1.26 -8.57 8.74
C TYR E 95 -2.09 -7.30 8.51
N PRO E 96 -3.40 -7.39 8.19
CA PRO E 96 -4.22 -8.60 8.03
C PRO E 96 -3.89 -9.42 6.79
N LEU E 97 -4.11 -10.74 6.86
CA LEU E 97 -3.86 -11.66 5.74
C LEU E 97 -4.88 -11.35 4.65
N THR E 98 -4.40 -11.02 3.44
CA THR E 98 -5.27 -10.65 2.33
C THR E 98 -5.22 -11.61 1.16
N PHE E 99 -6.36 -11.73 0.45
CA PHE E 99 -6.54 -12.58 -0.71
C PHE E 99 -6.81 -11.71 -1.94
N GLY E 100 -6.51 -12.24 -3.11
CA GLY E 100 -6.76 -11.58 -4.39
C GLY E 100 -8.24 -11.71 -4.76
N GLY E 101 -8.65 -10.96 -5.78
CA GLY E 101 -10.03 -10.97 -6.28
C GLY E 101 -10.48 -12.29 -6.87
N GLY E 102 -9.52 -13.10 -7.30
CA GLY E 102 -9.76 -14.41 -7.90
C GLY E 102 -9.87 -14.38 -9.40
N THR E 103 -9.54 -15.52 -10.04
CA THR E 103 -9.61 -15.68 -11.49
C THR E 103 -10.49 -16.89 -11.80
N LYS E 104 -11.69 -16.63 -12.34
CA LYS E 104 -12.64 -17.68 -12.69
C LYS E 104 -12.27 -18.24 -14.07
N VAL E 105 -11.89 -19.52 -14.11
CA VAL E 105 -11.52 -20.20 -15.36
C VAL E 105 -12.76 -20.90 -15.91
N GLU E 106 -13.28 -20.36 -17.02
CA GLU E 106 -14.48 -20.85 -17.71
C GLU E 106 -14.11 -21.52 -19.03
N ILE E 107 -14.99 -22.41 -19.52
CA ILE E 107 -14.78 -23.13 -20.78
C ILE E 107 -15.17 -22.28 -21.99
N LYS E 108 -14.23 -22.12 -22.94
CA LYS E 108 -14.42 -21.37 -24.18
C LYS E 108 -15.27 -22.18 -25.14
N ARG E 109 -16.15 -21.50 -25.89
CA ARG E 109 -17.04 -22.14 -26.87
C ARG E 109 -17.39 -21.18 -28.02
N THR E 110 -17.87 -21.72 -29.15
CA THR E 110 -18.26 -20.93 -30.33
C THR E 110 -19.51 -20.11 -30.01
N VAL E 111 -19.70 -18.96 -30.68
CA VAL E 111 -20.85 -18.08 -30.45
C VAL E 111 -22.20 -18.74 -30.72
N ALA E 112 -23.16 -18.53 -29.81
CA ALA E 112 -24.51 -19.07 -29.90
C ALA E 112 -25.53 -17.97 -29.62
N ALA E 113 -26.45 -17.76 -30.56
CA ALA E 113 -27.51 -16.75 -30.45
C ALA E 113 -28.60 -17.22 -29.47
N PRO E 114 -29.16 -16.31 -28.64
CA PRO E 114 -30.22 -16.74 -27.71
C PRO E 114 -31.59 -16.90 -28.35
N SER E 115 -32.37 -17.90 -27.88
CA SER E 115 -33.73 -18.15 -28.33
C SER E 115 -34.63 -17.36 -27.37
N VAL E 116 -35.25 -16.28 -27.88
CA VAL E 116 -36.08 -15.39 -27.07
C VAL E 116 -37.55 -15.81 -26.99
N PHE E 117 -38.07 -15.92 -25.75
CA PHE E 117 -39.46 -16.29 -25.45
C PHE E 117 -40.08 -15.33 -24.44
N ILE E 118 -41.21 -14.69 -24.80
CA ILE E 118 -41.94 -13.76 -23.93
C ILE E 118 -43.14 -14.46 -23.27
N PHE E 119 -43.34 -14.21 -21.96
CA PHE E 119 -44.44 -14.82 -21.20
C PHE E 119 -45.36 -13.77 -20.57
N PRO E 120 -46.65 -13.72 -20.96
CA PRO E 120 -47.58 -12.75 -20.33
C PRO E 120 -47.98 -13.19 -18.92
N PRO E 121 -48.40 -12.28 -18.01
CA PRO E 121 -48.81 -12.73 -16.66
C PRO E 121 -50.07 -13.58 -16.69
N SER E 122 -50.06 -14.71 -15.97
CA SER E 122 -51.19 -15.65 -15.88
C SER E 122 -52.41 -15.03 -15.21
N ASP E 123 -53.62 -15.53 -15.56
CA ASP E 123 -54.90 -15.07 -15.03
C ASP E 123 -55.00 -15.27 -13.51
N GLU E 124 -54.39 -16.36 -12.99
CA GLU E 124 -54.35 -16.66 -11.55
C GLU E 124 -53.45 -15.67 -10.79
N GLN E 125 -52.43 -15.10 -11.45
CA GLN E 125 -51.53 -14.10 -10.88
C GLN E 125 -52.20 -12.73 -10.85
N LEU E 126 -52.93 -12.38 -11.94
CA LEU E 126 -53.65 -11.12 -12.09
C LEU E 126 -54.78 -10.97 -11.06
N LYS E 127 -55.40 -12.09 -10.66
CA LYS E 127 -56.47 -12.12 -9.66
C LYS E 127 -55.92 -11.91 -8.25
N SER E 128 -54.59 -12.07 -8.05
CA SER E 128 -53.91 -11.88 -6.77
C SER E 128 -53.46 -10.42 -6.56
N GLY E 129 -53.62 -9.58 -7.59
CA GLY E 129 -53.29 -8.16 -7.54
C GLY E 129 -52.07 -7.69 -8.31
N THR E 130 -51.09 -8.59 -8.55
CA THR E 130 -49.85 -8.25 -9.26
C THR E 130 -49.74 -8.85 -10.67
N ALA E 131 -48.90 -8.25 -11.52
CA ALA E 131 -48.65 -8.69 -12.89
C ALA E 131 -47.15 -8.76 -13.19
N SER E 132 -46.66 -9.95 -13.56
CA SER E 132 -45.24 -10.17 -13.88
C SER E 132 -45.06 -10.70 -15.29
N VAL E 133 -44.28 -9.96 -16.12
CA VAL E 133 -43.99 -10.32 -17.50
C VAL E 133 -42.54 -10.86 -17.55
N ALA E 134 -42.39 -12.15 -17.91
CA ALA E 134 -41.09 -12.80 -17.98
C ALA E 134 -40.57 -12.97 -19.40
N CYS E 135 -39.28 -12.64 -19.61
CA CYS E 135 -38.59 -12.77 -20.89
C CYS E 135 -37.45 -13.77 -20.74
N LEU E 136 -37.44 -14.81 -21.58
CA LEU E 136 -36.43 -15.87 -21.54
C LEU E 136 -35.45 -15.79 -22.71
N LEU E 137 -34.16 -15.86 -22.40
CA LEU E 137 -33.05 -15.88 -23.35
C LEU E 137 -32.45 -17.27 -23.18
N ASN E 138 -32.76 -18.18 -24.10
CA ASN E 138 -32.33 -19.58 -23.99
C ASN E 138 -31.06 -19.93 -24.74
N ASN E 139 -30.13 -20.60 -24.03
CA ASN E 139 -28.84 -21.14 -24.48
C ASN E 139 -28.01 -20.21 -25.39
N PHE E 140 -27.20 -19.33 -24.77
CA PHE E 140 -26.36 -18.37 -25.51
C PHE E 140 -24.91 -18.29 -24.99
N TYR E 141 -24.00 -17.86 -25.88
CA TYR E 141 -22.58 -17.65 -25.59
C TYR E 141 -22.03 -16.50 -26.48
N PRO E 142 -21.28 -15.51 -25.93
CA PRO E 142 -20.84 -15.35 -24.53
C PRO E 142 -21.95 -14.90 -23.57
N ARG E 143 -21.62 -14.81 -22.27
CA ARG E 143 -22.52 -14.40 -21.18
C ARG E 143 -23.10 -12.99 -21.38
N GLU E 144 -22.32 -12.08 -22.00
CA GLU E 144 -22.69 -10.69 -22.28
C GLU E 144 -23.91 -10.58 -23.21
N ALA E 145 -25.04 -10.12 -22.65
CA ALA E 145 -26.31 -9.93 -23.36
C ALA E 145 -27.12 -8.83 -22.66
N LYS E 146 -27.82 -7.99 -23.45
CA LYS E 146 -28.60 -6.88 -22.89
C LYS E 146 -30.07 -6.95 -23.26
N VAL E 147 -30.95 -6.78 -22.26
CA VAL E 147 -32.40 -6.79 -22.45
C VAL E 147 -32.98 -5.40 -22.20
N GLN E 148 -33.90 -4.96 -23.07
CA GLN E 148 -34.58 -3.68 -22.99
C GLN E 148 -36.09 -3.89 -23.03
N TRP E 149 -36.78 -3.57 -21.92
CA TRP E 149 -38.22 -3.69 -21.79
C TRP E 149 -38.93 -2.48 -22.39
N LYS E 150 -39.98 -2.72 -23.20
CA LYS E 150 -40.74 -1.66 -23.85
C LYS E 150 -42.25 -1.83 -23.67
N VAL E 151 -42.86 -0.95 -22.86
CA VAL E 151 -44.30 -0.92 -22.67
C VAL E 151 -44.75 0.03 -23.78
N ASP E 152 -45.13 -0.58 -24.93
CA ASP E 152 -45.49 0.04 -26.21
C ASP E 152 -44.22 0.57 -26.89
N ASN E 153 -44.00 1.89 -26.94
CA ASN E 153 -42.79 2.48 -27.53
C ASN E 153 -41.86 3.05 -26.45
N ALA E 154 -42.40 3.24 -25.23
CA ALA E 154 -41.67 3.78 -24.08
C ALA E 154 -40.78 2.72 -23.40
N LEU E 155 -39.50 3.08 -23.20
CA LEU E 155 -38.48 2.26 -22.56
C LEU E 155 -38.61 2.30 -21.03
N GLN E 156 -38.52 1.11 -20.40
CA GLN E 156 -38.61 0.93 -18.95
C GLN E 156 -37.22 1.05 -18.29
N SER E 157 -37.17 1.48 -17.01
CA SER E 157 -35.90 1.67 -16.31
C SER E 157 -35.64 0.80 -15.07
N GLY E 158 -36.35 1.08 -13.96
CA GLY E 158 -36.16 0.36 -12.70
C GLY E 158 -37.36 -0.40 -12.18
N ASN E 159 -37.95 -1.25 -13.04
CA ASN E 159 -39.09 -2.11 -12.67
C ASN E 159 -38.90 -3.55 -13.18
N SER E 160 -37.64 -3.91 -13.52
CA SER E 160 -37.26 -5.23 -14.02
C SER E 160 -36.05 -5.81 -13.28
N GLN E 161 -36.01 -7.16 -13.17
CA GLN E 161 -34.91 -7.88 -12.51
C GLN E 161 -34.40 -9.04 -13.37
N GLU E 162 -33.07 -9.09 -13.58
CA GLU E 162 -32.40 -10.10 -14.39
C GLU E 162 -31.71 -11.17 -13.55
N SER E 163 -31.60 -12.40 -14.10
CA SER E 163 -30.95 -13.54 -13.47
C SER E 163 -30.33 -14.47 -14.51
N VAL E 164 -29.04 -14.82 -14.33
CA VAL E 164 -28.29 -15.68 -15.24
C VAL E 164 -27.91 -17.00 -14.56
N THR E 165 -28.15 -18.14 -15.25
CA THR E 165 -27.78 -19.47 -14.78
C THR E 165 -26.28 -19.68 -15.04
N GLU E 166 -25.64 -20.59 -14.30
CA GLU E 166 -24.23 -20.90 -14.51
C GLU E 166 -24.04 -21.69 -15.80
N GLN E 167 -22.84 -21.57 -16.41
CA GLN E 167 -22.47 -22.23 -17.67
C GLN E 167 -22.80 -23.73 -17.62
N ASP E 168 -23.63 -24.19 -18.57
CA ASP E 168 -24.09 -25.57 -18.68
C ASP E 168 -22.93 -26.55 -18.82
N SER E 169 -23.02 -27.69 -18.09
CA SER E 169 -22.00 -28.73 -18.07
C SER E 169 -21.80 -29.44 -19.41
N LYS E 170 -22.88 -29.54 -20.22
CA LYS E 170 -22.84 -30.21 -21.53
C LYS E 170 -22.64 -29.28 -22.73
N ASP E 171 -23.52 -28.28 -22.92
CA ASP E 171 -23.44 -27.36 -24.06
C ASP E 171 -22.65 -26.04 -23.88
N ASN E 172 -22.15 -25.79 -22.65
CA ASN E 172 -21.35 -24.62 -22.26
C ASN E 172 -22.00 -23.25 -22.55
N THR E 173 -23.35 -23.20 -22.50
CA THR E 173 -24.11 -21.98 -22.75
C THR E 173 -24.66 -21.36 -21.46
N TYR E 174 -25.20 -20.13 -21.57
CA TYR E 174 -25.82 -19.39 -20.47
C TYR E 174 -27.29 -19.13 -20.82
N SER E 175 -28.13 -18.94 -19.80
CA SER E 175 -29.54 -18.63 -19.97
C SER E 175 -29.89 -17.43 -19.10
N LEU E 176 -30.73 -16.51 -19.63
CA LEU E 176 -31.13 -15.29 -18.93
C LEU E 176 -32.66 -15.18 -18.79
N SER E 177 -33.11 -14.77 -17.59
CA SER E 177 -34.53 -14.56 -17.26
C SER E 177 -34.71 -13.15 -16.71
N SER E 178 -35.53 -12.34 -17.39
CA SER E 178 -35.83 -10.97 -16.99
C SER E 178 -37.31 -10.84 -16.68
N THR E 179 -37.64 -10.46 -15.42
CA THR E 179 -39.02 -10.32 -14.96
C THR E 179 -39.40 -8.85 -14.77
N LEU E 180 -40.40 -8.40 -15.56
CA LEU E 180 -40.93 -7.04 -15.51
C LEU E 180 -42.14 -7.02 -14.58
N THR E 181 -42.00 -6.38 -13.41
CA THR E 181 -43.06 -6.29 -12.39
C THR E 181 -43.86 -5.00 -12.48
N LEU E 182 -45.20 -5.15 -12.61
CA LEU E 182 -46.16 -4.04 -12.71
C LEU E 182 -47.44 -4.36 -11.94
N SER E 183 -48.16 -3.33 -11.49
CA SER E 183 -49.44 -3.51 -10.78
C SER E 183 -50.55 -3.86 -11.77
N LYS E 184 -51.67 -4.44 -11.28
CA LYS E 184 -52.83 -4.85 -12.08
C LYS E 184 -53.41 -3.68 -12.90
N ALA E 185 -53.44 -2.47 -12.30
CA ALA E 185 -53.93 -1.24 -12.93
C ALA E 185 -52.99 -0.78 -14.05
N ASP E 186 -51.66 -0.85 -13.81
CA ASP E 186 -50.61 -0.46 -14.76
C ASP E 186 -50.59 -1.39 -15.98
N TYR E 187 -50.89 -2.69 -15.77
CA TYR E 187 -50.92 -3.70 -16.83
C TYR E 187 -52.14 -3.56 -17.76
N GLU E 188 -53.33 -3.33 -17.19
CA GLU E 188 -54.59 -3.19 -17.94
C GLU E 188 -54.67 -1.92 -18.79
N LYS E 189 -53.95 -0.85 -18.38
CA LYS E 189 -53.92 0.44 -19.07
C LYS E 189 -53.09 0.46 -20.38
N HIS E 190 -52.30 -0.61 -20.63
CA HIS E 190 -51.45 -0.73 -21.82
C HIS E 190 -51.69 -2.06 -22.58
N LYS E 191 -51.39 -2.08 -23.89
CA LYS E 191 -51.59 -3.24 -24.75
C LYS E 191 -50.31 -3.90 -25.28
N VAL E 192 -49.34 -3.10 -25.77
CA VAL E 192 -48.08 -3.61 -26.34
C VAL E 192 -46.99 -3.78 -25.27
N TYR E 193 -46.44 -5.00 -25.16
CA TYR E 193 -45.36 -5.35 -24.23
C TYR E 193 -44.25 -6.07 -24.98
N ALA E 194 -43.12 -5.36 -25.20
CA ALA E 194 -41.99 -5.86 -25.96
C ALA E 194 -40.72 -6.11 -25.13
N CYS E 195 -39.91 -7.09 -25.57
CA CYS E 195 -38.64 -7.48 -24.97
C CYS E 195 -37.54 -7.47 -26.05
N GLU E 196 -36.71 -6.41 -26.07
CA GLU E 196 -35.62 -6.24 -27.03
C GLU E 196 -34.35 -6.89 -26.49
N VAL E 197 -33.76 -7.83 -27.25
CA VAL E 197 -32.56 -8.57 -26.88
C VAL E 197 -31.38 -8.28 -27.81
N THR E 198 -30.24 -7.85 -27.24
CA THR E 198 -29.00 -7.55 -27.96
C THR E 198 -27.93 -8.57 -27.55
N HIS E 199 -27.32 -9.25 -28.53
CA HIS E 199 -26.29 -10.28 -28.33
C HIS E 199 -25.33 -10.38 -29.53
N GLN E 200 -24.09 -10.85 -29.29
CA GLN E 200 -23.02 -11.04 -30.28
C GLN E 200 -23.41 -11.95 -31.45
N GLY E 201 -24.17 -13.01 -31.17
CA GLY E 201 -24.65 -13.97 -32.15
C GLY E 201 -25.77 -13.47 -33.05
N LEU E 202 -26.30 -12.27 -32.76
CA LEU E 202 -27.38 -11.64 -33.52
C LEU E 202 -26.85 -10.46 -34.34
N SER E 203 -27.18 -10.43 -35.65
CA SER E 203 -26.76 -9.38 -36.59
C SER E 203 -27.46 -8.04 -36.27
N SER E 204 -28.68 -8.10 -35.70
CA SER E 204 -29.50 -6.97 -35.31
C SER E 204 -30.30 -7.33 -34.03
N PRO E 205 -30.66 -6.37 -33.15
CA PRO E 205 -31.40 -6.74 -31.93
C PRO E 205 -32.79 -7.31 -32.20
N VAL E 206 -33.04 -8.53 -31.68
CA VAL E 206 -34.30 -9.25 -31.84
C VAL E 206 -35.32 -8.82 -30.76
N THR E 207 -36.57 -8.56 -31.19
CA THR E 207 -37.64 -8.12 -30.29
C THR E 207 -38.82 -9.10 -30.32
N LYS E 208 -39.23 -9.58 -29.13
CA LYS E 208 -40.37 -10.49 -28.96
C LYS E 208 -41.46 -9.75 -28.19
N SER E 209 -42.66 -9.66 -28.77
CA SER E 209 -43.79 -8.94 -28.16
C SER E 209 -45.13 -9.68 -28.25
N PHE E 210 -46.14 -9.18 -27.50
CA PHE E 210 -47.51 -9.70 -27.45
C PHE E 210 -48.52 -8.57 -27.24
N GLU F 2 27.05 31.82 6.18
CA GLU F 2 27.37 30.46 5.75
C GLU F 2 28.13 30.42 4.42
N LEU F 3 28.93 29.34 4.20
CA LEU F 3 29.73 29.14 2.99
C LEU F 3 28.80 28.77 1.81
N GLN F 4 28.91 29.53 0.72
CA GLN F 4 28.08 29.33 -0.47
C GLN F 4 28.65 28.29 -1.43
N MET F 5 27.83 27.28 -1.74
CA MET F 5 28.14 26.23 -2.70
C MET F 5 27.21 26.40 -3.89
N THR F 6 27.78 26.59 -5.08
CA THR F 6 27.02 26.80 -6.30
C THR F 6 27.41 25.81 -7.37
N GLN F 7 26.46 25.47 -8.25
CA GLN F 7 26.67 24.52 -9.34
C GLN F 7 26.23 25.10 -10.68
N SER F 8 27.02 24.84 -11.73
CA SER F 8 26.74 25.31 -13.09
C SER F 8 26.97 24.19 -14.12
N PRO F 9 26.00 23.90 -15.01
CA PRO F 9 24.66 24.53 -15.14
C PRO F 9 23.65 23.95 -14.16
N SER F 10 22.44 24.52 -14.09
CA SER F 10 21.36 24.05 -13.22
C SER F 10 20.73 22.81 -13.86
N SER F 11 20.61 22.82 -15.21
CA SER F 11 20.06 21.75 -16.03
C SER F 11 21.01 21.46 -17.18
N LEU F 12 21.13 20.18 -17.58
CA LEU F 12 22.00 19.73 -18.67
C LEU F 12 21.32 18.68 -19.53
N SER F 13 21.25 18.93 -20.85
CA SER F 13 20.67 17.99 -21.81
C SER F 13 21.80 17.25 -22.53
N ALA F 14 21.86 15.92 -22.38
CA ALA F 14 22.91 15.10 -22.98
C ALA F 14 22.38 13.78 -23.54
N SER F 15 23.26 13.06 -24.27
CA SER F 15 22.98 11.77 -24.90
C SER F 15 23.90 10.68 -24.34
N VAL F 16 23.53 9.38 -24.53
CA VAL F 16 24.33 8.23 -24.11
C VAL F 16 25.65 8.21 -24.91
N GLY F 17 26.78 8.11 -24.22
CA GLY F 17 28.11 8.10 -24.84
C GLY F 17 28.82 9.44 -24.85
N ASP F 18 28.18 10.48 -24.30
CA ASP F 18 28.75 11.83 -24.22
C ASP F 18 29.58 12.03 -22.96
N ARG F 19 30.60 12.90 -23.03
CA ARG F 19 31.45 13.25 -21.90
C ARG F 19 30.83 14.49 -21.25
N VAL F 20 30.31 14.34 -20.02
CA VAL F 20 29.68 15.46 -19.31
C VAL F 20 30.53 15.95 -18.14
N THR F 21 30.65 17.28 -18.01
CA THR F 21 31.43 17.91 -16.94
C THR F 21 30.54 18.84 -16.12
N ILE F 22 30.44 18.57 -14.82
CA ILE F 22 29.63 19.35 -13.87
C ILE F 22 30.57 20.20 -13.02
N THR F 23 30.31 21.52 -12.94
CA THR F 23 31.14 22.45 -12.18
C THR F 23 30.49 22.82 -10.83
N CYS F 24 31.30 22.81 -9.75
CA CYS F 24 30.89 23.17 -8.40
C CYS F 24 31.88 24.22 -7.87
N ARG F 25 31.35 25.35 -7.39
CA ARG F 25 32.18 26.45 -6.89
C ARG F 25 31.87 26.86 -5.44
N ALA F 26 32.92 27.27 -4.71
CA ALA F 26 32.85 27.69 -3.31
C ALA F 26 33.26 29.16 -3.15
N SER F 27 32.62 29.87 -2.20
CA SER F 27 32.91 31.28 -1.91
C SER F 27 34.21 31.48 -1.13
N GLN F 28 34.70 30.42 -0.44
CA GLN F 28 35.94 30.38 0.32
C GLN F 28 36.79 29.18 -0.11
N ASP F 29 38.08 29.17 0.26
CA ASP F 29 38.97 28.05 -0.03
C ASP F 29 38.58 26.88 0.88
N ILE F 30 38.12 25.77 0.29
CA ILE F 30 37.67 24.59 1.03
C ILE F 30 38.63 23.39 0.91
N SER F 31 39.89 23.66 0.46
CA SER F 31 40.94 22.67 0.23
C SER F 31 40.42 21.55 -0.69
N ILE F 32 40.38 20.29 -0.22
CA ILE F 32 39.84 19.14 -0.95
C ILE F 32 38.59 18.60 -0.23
N ARG F 33 38.09 19.34 0.77
CA ARG F 33 36.94 18.97 1.58
C ARG F 33 35.60 19.13 0.85
N LEU F 34 35.40 18.32 -0.21
CA LEU F 34 34.21 18.31 -1.04
C LEU F 34 33.75 16.90 -1.41
N ASN F 35 32.44 16.65 -1.33
CA ASN F 35 31.82 15.38 -1.65
C ASN F 35 30.79 15.53 -2.77
N TRP F 36 30.62 14.49 -3.61
CA TRP F 36 29.68 14.45 -4.72
C TRP F 36 28.58 13.41 -4.47
N TYR F 37 27.33 13.77 -4.78
CA TYR F 37 26.16 12.92 -4.59
C TYR F 37 25.32 12.81 -5.87
N GLN F 38 24.64 11.67 -6.04
CA GLN F 38 23.73 11.38 -7.17
C GLN F 38 22.34 11.15 -6.59
N GLN F 39 21.32 11.84 -7.15
CA GLN F 39 19.95 11.67 -6.71
C GLN F 39 19.00 11.41 -7.87
N LYS F 40 18.34 10.25 -7.83
CA LYS F 40 17.36 9.82 -8.83
C LYS F 40 15.94 10.13 -8.29
N PRO F 41 14.94 10.44 -9.16
CA PRO F 41 13.60 10.77 -8.65
C PRO F 41 12.96 9.73 -7.74
N GLY F 42 12.50 10.18 -6.58
CA GLY F 42 11.87 9.34 -5.56
C GLY F 42 12.83 8.70 -4.58
N LYS F 43 14.14 8.71 -4.92
CA LYS F 43 15.21 8.11 -4.11
C LYS F 43 16.02 9.16 -3.35
N ALA F 44 16.69 8.73 -2.27
CA ALA F 44 17.56 9.55 -1.42
C ALA F 44 18.90 9.79 -2.13
N PRO F 45 19.64 10.90 -1.83
CA PRO F 45 20.95 11.10 -2.48
C PRO F 45 21.96 10.01 -2.13
N LYS F 46 22.74 9.57 -3.12
CA LYS F 46 23.75 8.50 -3.01
C LYS F 46 25.16 9.10 -3.23
N LEU F 47 26.08 8.87 -2.27
CA LEU F 47 27.47 9.35 -2.32
C LEU F 47 28.27 8.64 -3.42
N LEU F 48 28.91 9.42 -4.31
CA LEU F 48 29.73 8.90 -5.42
C LEU F 48 31.21 9.12 -5.13
N ILE F 49 31.59 10.39 -4.93
CA ILE F 49 32.98 10.81 -4.69
C ILE F 49 33.10 11.60 -3.40
N TYR F 50 34.15 11.32 -2.62
CA TYR F 50 34.47 12.00 -1.36
C TYR F 50 35.91 12.52 -1.41
N ASP F 51 36.24 13.53 -0.58
CA ASP F 51 37.56 14.18 -0.52
C ASP F 51 38.03 14.65 -1.90
N ALA F 52 37.10 15.29 -2.64
CA ALA F 52 37.23 15.85 -4.00
C ALA F 52 37.51 14.87 -5.14
N SER F 53 38.33 13.83 -4.92
CA SER F 53 38.71 12.87 -5.97
C SER F 53 38.54 11.39 -5.64
N THR F 54 38.36 11.02 -4.36
CA THR F 54 38.24 9.61 -3.98
C THR F 54 36.88 9.03 -4.33
N LEU F 55 36.89 8.00 -5.20
CA LEU F 55 35.70 7.30 -5.67
C LEU F 55 35.29 6.26 -4.62
N GLU F 56 33.97 6.20 -4.32
CA GLU F 56 33.39 5.25 -3.38
C GLU F 56 33.35 3.85 -3.99
N SER F 57 33.37 2.80 -3.15
CA SER F 57 33.33 1.40 -3.59
C SER F 57 31.99 1.08 -4.25
N GLY F 58 32.05 0.44 -5.42
CA GLY F 58 30.88 0.07 -6.20
C GLY F 58 30.50 1.06 -7.28
N VAL F 59 30.95 2.33 -7.16
CA VAL F 59 30.69 3.41 -8.11
C VAL F 59 31.52 3.14 -9.39
N PRO F 60 30.90 3.21 -10.61
CA PRO F 60 31.67 2.93 -11.84
C PRO F 60 32.82 3.89 -12.13
N SER F 61 33.85 3.37 -12.83
CA SER F 61 35.07 4.10 -13.21
C SER F 61 34.86 5.32 -14.11
N ARG F 62 33.69 5.42 -14.79
CA ARG F 62 33.34 6.54 -15.67
C ARG F 62 33.22 7.87 -14.90
N PHE F 63 32.86 7.78 -13.60
CA PHE F 63 32.74 8.92 -12.70
C PHE F 63 34.12 9.26 -12.15
N SER F 64 34.44 10.56 -12.09
CA SER F 64 35.70 11.07 -11.56
C SER F 64 35.56 12.49 -11.04
N GLY F 65 36.18 12.75 -9.90
CA GLY F 65 36.19 14.06 -9.26
C GLY F 65 37.53 14.73 -9.36
N SER F 66 37.53 16.07 -9.49
CA SER F 66 38.73 16.89 -9.60
C SER F 66 38.51 18.27 -8.98
N GLY F 67 39.61 18.97 -8.71
CA GLY F 67 39.58 20.32 -8.15
C GLY F 67 40.15 20.46 -6.75
N SER F 68 40.44 21.72 -6.38
CA SER F 68 41.00 22.12 -5.08
C SER F 68 40.74 23.60 -4.84
N GLY F 69 40.44 23.94 -3.59
CA GLY F 69 40.19 25.32 -3.17
C GLY F 69 38.78 25.82 -3.41
N THR F 70 38.54 26.42 -4.60
CA THR F 70 37.23 26.98 -4.96
C THR F 70 36.57 26.29 -6.16
N ASP F 71 37.34 25.98 -7.21
CA ASP F 71 36.82 25.34 -8.42
C ASP F 71 36.93 23.81 -8.38
N PHE F 72 35.79 23.12 -8.58
CA PHE F 72 35.68 21.65 -8.55
C PHE F 72 34.86 21.12 -9.71
N THR F 73 35.21 19.92 -10.23
CA THR F 73 34.52 19.28 -11.34
C THR F 73 34.22 17.79 -11.15
N LEU F 74 33.07 17.35 -11.69
CA LEU F 74 32.60 15.96 -11.71
C LEU F 74 32.46 15.59 -13.18
N THR F 75 33.24 14.60 -13.63
CA THR F 75 33.25 14.16 -15.03
C THR F 75 32.72 12.74 -15.21
N ILE F 76 31.82 12.56 -16.19
CA ILE F 76 31.29 11.27 -16.60
C ILE F 76 31.85 11.07 -18.02
N SER F 77 32.98 10.35 -18.12
CA SER F 77 33.72 10.08 -19.36
C SER F 77 32.84 9.65 -20.54
N SER F 78 31.90 8.72 -20.29
CA SER F 78 30.95 8.22 -21.29
C SER F 78 29.63 7.97 -20.57
N LEU F 79 28.65 8.87 -20.81
CA LEU F 79 27.33 8.84 -20.18
C LEU F 79 26.56 7.55 -20.52
N GLN F 80 26.10 6.86 -19.47
CA GLN F 80 25.35 5.62 -19.59
C GLN F 80 23.85 5.85 -19.37
N PRO F 81 22.96 4.93 -19.83
CA PRO F 81 21.51 5.16 -19.67
C PRO F 81 20.97 5.33 -18.25
N GLU F 82 21.71 4.84 -17.24
CA GLU F 82 21.34 4.94 -15.82
C GLU F 82 21.86 6.22 -15.15
N ASP F 83 22.72 6.98 -15.86
CA ASP F 83 23.33 8.21 -15.35
C ASP F 83 22.44 9.46 -15.31
N PHE F 84 21.24 9.41 -15.92
CA PHE F 84 20.31 10.55 -15.92
C PHE F 84 19.69 10.75 -14.53
N ALA F 85 20.24 11.73 -13.78
CA ALA F 85 19.85 12.09 -12.42
C ALA F 85 20.31 13.52 -12.09
N THR F 86 20.06 13.96 -10.84
CA THR F 86 20.49 15.27 -10.35
C THR F 86 21.76 15.04 -9.51
N TYR F 87 22.81 15.79 -9.82
CA TYR F 87 24.10 15.67 -9.12
C TYR F 87 24.34 16.87 -8.20
N TYR F 88 24.66 16.59 -6.92
CA TYR F 88 24.92 17.60 -5.88
C TYR F 88 26.34 17.56 -5.35
N CYS F 89 26.91 18.74 -5.05
CA CYS F 89 28.23 18.85 -4.43
C CYS F 89 28.05 19.37 -2.99
N GLN F 90 28.84 18.84 -2.04
CA GLN F 90 28.74 19.21 -0.63
C GLN F 90 30.10 19.49 -0.02
N GLN F 91 30.22 20.63 0.67
CA GLN F 91 31.46 21.02 1.37
C GLN F 91 31.41 20.59 2.83
N PHE F 92 32.59 20.43 3.45
CA PHE F 92 32.69 20.09 4.87
C PHE F 92 33.87 20.76 5.58
N ASN F 93 34.39 21.86 4.98
CA ASN F 93 35.50 22.64 5.53
C ASN F 93 35.04 23.46 6.74
N SER F 94 33.86 24.11 6.63
CA SER F 94 33.30 24.93 7.70
C SER F 94 31.81 24.66 7.91
N TYR F 95 31.33 24.91 9.14
CA TYR F 95 29.95 24.70 9.56
C TYR F 95 29.11 25.99 9.44
N PRO F 96 27.81 25.92 9.05
CA PRO F 96 27.01 24.72 8.71
C PRO F 96 27.42 24.06 7.39
N LEU F 97 27.22 22.73 7.31
CA LEU F 97 27.53 21.95 6.10
C LEU F 97 26.56 22.37 5.01
N THR F 98 27.09 22.83 3.87
CA THR F 98 26.26 23.33 2.76
C THR F 98 26.39 22.51 1.48
N PHE F 99 25.29 22.45 0.72
CA PHE F 99 25.18 21.74 -0.55
C PHE F 99 24.96 22.74 -1.68
N GLY F 100 25.33 22.34 -2.90
CA GLY F 100 25.13 23.14 -4.09
C GLY F 100 23.69 23.04 -4.57
N GLY F 101 23.33 23.88 -5.54
CA GLY F 101 21.99 23.92 -6.10
C GLY F 101 21.58 22.67 -6.86
N GLY F 102 22.58 21.92 -7.34
CA GLY F 102 22.37 20.69 -8.09
C GLY F 102 22.37 20.89 -9.59
N THR F 103 22.75 19.82 -10.32
CA THR F 103 22.76 19.81 -11.78
C THR F 103 21.92 18.64 -12.27
N LYS F 104 20.77 18.96 -12.89
CA LYS F 104 19.84 17.97 -13.42
C LYS F 104 20.33 17.52 -14.80
N VAL F 105 20.89 16.30 -14.87
CA VAL F 105 21.37 15.72 -16.12
C VAL F 105 20.18 14.97 -16.74
N GLU F 106 19.64 15.50 -17.84
CA GLU F 106 18.48 14.94 -18.54
C GLU F 106 18.75 14.57 -20.00
N ILE F 107 17.93 13.67 -20.56
CA ILE F 107 18.07 13.15 -21.92
C ILE F 107 17.72 14.15 -23.02
N LYS F 108 18.63 14.26 -24.00
CA LYS F 108 18.46 15.09 -25.19
C LYS F 108 17.64 14.31 -26.22
N ARG F 109 16.81 15.00 -27.00
CA ARG F 109 15.95 14.41 -28.02
C ARG F 109 15.69 15.42 -29.16
N THR F 110 15.26 14.93 -30.35
CA THR F 110 14.94 15.76 -31.51
C THR F 110 13.69 16.61 -31.21
N VAL F 111 13.59 17.79 -31.85
CA VAL F 111 12.46 18.71 -31.64
C VAL F 111 11.11 18.12 -32.02
N ALA F 112 10.10 18.33 -31.15
CA ALA F 112 8.75 17.83 -31.35
C ALA F 112 7.75 18.96 -31.06
N ALA F 113 6.89 19.25 -32.05
CA ALA F 113 5.88 20.29 -31.95
C ALA F 113 4.72 19.83 -31.05
N PRO F 114 4.13 20.73 -30.21
CA PRO F 114 3.02 20.28 -29.36
C PRO F 114 1.69 20.20 -30.09
N SER F 115 0.85 19.22 -29.72
CA SER F 115 -0.50 19.04 -30.26
C SER F 115 -1.40 19.84 -29.33
N VAL F 116 -1.89 20.99 -29.81
CA VAL F 116 -2.71 21.92 -29.02
C VAL F 116 -4.20 21.59 -29.07
N PHE F 117 -4.84 21.53 -27.89
CA PHE F 117 -6.26 21.24 -27.70
C PHE F 117 -6.87 22.21 -26.69
N ILE F 118 -8.06 22.75 -27.00
CA ILE F 118 -8.78 23.66 -26.11
C ILE F 118 -10.06 22.99 -25.56
N PHE F 119 -10.31 23.16 -24.26
CA PHE F 119 -11.48 22.58 -23.59
C PHE F 119 -12.38 23.63 -22.94
N PRO F 120 -13.65 23.77 -23.40
CA PRO F 120 -14.55 24.76 -22.77
C PRO F 120 -15.06 24.26 -21.40
N PRO F 121 -15.48 25.14 -20.46
CA PRO F 121 -15.98 24.64 -19.16
C PRO F 121 -17.29 23.86 -19.31
N SER F 122 -17.37 22.68 -18.65
CA SER F 122 -18.54 21.81 -18.67
C SER F 122 -19.76 22.45 -18.03
N ASP F 123 -20.97 22.04 -18.47
CA ASP F 123 -22.26 22.53 -17.98
C ASP F 123 -22.45 22.26 -16.49
N GLU F 124 -21.92 21.12 -15.99
CA GLU F 124 -21.97 20.73 -14.58
C GLU F 124 -21.07 21.63 -13.71
N GLN F 125 -19.99 22.18 -14.29
CA GLN F 125 -19.08 23.09 -13.61
C GLN F 125 -19.68 24.49 -13.54
N LEU F 126 -20.32 24.94 -14.65
CA LEU F 126 -20.97 26.25 -14.76
C LEU F 126 -22.14 26.40 -13.79
N LYS F 127 -22.84 25.29 -13.49
CA LYS F 127 -23.96 25.27 -12.54
C LYS F 127 -23.48 25.37 -11.08
N SER F 128 -22.18 25.12 -10.84
CA SER F 128 -21.56 25.21 -9.52
C SER F 128 -21.04 26.63 -9.20
N GLY F 129 -21.12 27.53 -10.19
CA GLY F 129 -20.72 28.93 -10.04
C GLY F 129 -19.43 29.37 -10.71
N THR F 130 -18.49 28.44 -10.96
CA THR F 130 -17.19 28.76 -11.57
C THR F 130 -17.04 28.23 -13.02
N ALA F 131 -16.13 28.84 -13.79
CA ALA F 131 -15.84 28.45 -15.17
C ALA F 131 -14.32 28.33 -15.40
N SER F 132 -13.87 27.13 -15.81
CA SER F 132 -12.45 26.87 -16.07
C SER F 132 -12.22 26.40 -17.49
N VAL F 133 -11.37 27.15 -18.22
CA VAL F 133 -11.01 26.84 -19.62
C VAL F 133 -9.61 26.23 -19.62
N ALA F 134 -9.49 24.96 -20.05
CA ALA F 134 -8.21 24.24 -20.09
C ALA F 134 -7.63 24.12 -21.49
N CYS F 135 -6.31 24.41 -21.60
CA CYS F 135 -5.56 24.30 -22.86
C CYS F 135 -4.48 23.25 -22.70
N LEU F 136 -4.47 22.25 -23.59
CA LEU F 136 -3.51 21.15 -23.55
C LEU F 136 -2.47 21.23 -24.66
N LEU F 137 -1.19 21.10 -24.27
CA LEU F 137 -0.02 21.08 -25.16
C LEU F 137 0.52 19.66 -25.01
N ASN F 138 0.22 18.79 -25.99
CA ASN F 138 0.59 17.37 -25.92
C ASN F 138 1.90 16.99 -26.62
N ASN F 139 2.75 16.25 -25.89
CA ASN F 139 4.05 15.70 -26.28
C ASN F 139 4.96 16.63 -27.09
N PHE F 140 5.77 17.45 -26.40
CA PHE F 140 6.68 18.40 -27.03
C PHE F 140 8.09 18.40 -26.44
N TYR F 141 9.07 18.84 -27.25
CA TYR F 141 10.48 19.00 -26.88
C TYR F 141 11.11 20.16 -27.67
N PRO F 142 11.87 21.09 -27.04
CA PRO F 142 12.22 21.18 -25.61
C PRO F 142 11.08 21.62 -24.69
N ARG F 143 11.35 21.64 -23.37
CA ARG F 143 10.39 22.03 -22.31
C ARG F 143 9.88 23.46 -22.48
N GLU F 144 10.73 24.37 -23.01
CA GLU F 144 10.43 25.78 -23.23
C GLU F 144 9.28 25.98 -24.23
N ALA F 145 8.13 26.45 -23.72
CA ALA F 145 6.91 26.72 -24.49
C ALA F 145 6.12 27.82 -23.78
N LYS F 146 5.54 28.75 -24.55
CA LYS F 146 4.77 29.86 -23.99
C LYS F 146 3.31 29.86 -24.44
N VAL F 147 2.38 29.99 -23.46
CA VAL F 147 0.95 30.06 -23.71
C VAL F 147 0.42 31.48 -23.43
N GLN F 148 -0.42 31.98 -24.34
CA GLN F 148 -1.03 33.30 -24.22
C GLN F 148 -2.55 33.18 -24.36
N TRP F 149 -3.27 33.47 -23.27
CA TRP F 149 -4.74 33.40 -23.22
C TRP F 149 -5.35 34.68 -23.79
N LYS F 150 -6.36 34.53 -24.66
CA LYS F 150 -7.03 35.66 -25.30
C LYS F 150 -8.56 35.57 -25.20
N VAL F 151 -9.17 36.46 -24.40
CA VAL F 151 -10.63 36.54 -24.22
C VAL F 151 -11.13 37.72 -25.06
N ASP F 152 -11.89 37.42 -26.15
CA ASP F 152 -12.42 38.39 -27.12
C ASP F 152 -11.31 39.29 -27.70
N ASN F 153 -10.16 38.66 -28.04
CA ASN F 153 -8.92 39.24 -28.57
C ASN F 153 -8.06 40.04 -27.57
N ALA F 154 -8.54 40.21 -26.33
CA ALA F 154 -7.81 40.90 -25.27
C ALA F 154 -6.92 39.92 -24.51
N LEU F 155 -5.63 40.26 -24.33
CA LEU F 155 -4.66 39.39 -23.66
C LEU F 155 -4.88 39.35 -22.15
N GLN F 156 -4.88 38.13 -21.58
CA GLN F 156 -5.05 37.87 -20.15
C GLN F 156 -3.69 37.89 -19.42
N SER F 157 -3.68 38.24 -18.11
CA SER F 157 -2.45 38.33 -17.34
C SER F 157 -2.30 37.38 -16.14
N GLY F 158 -3.05 37.63 -15.06
CA GLY F 158 -2.96 36.85 -13.83
C GLY F 158 -4.22 36.11 -13.41
N ASN F 159 -4.81 35.34 -14.34
CA ASN F 159 -6.00 34.53 -14.10
C ASN F 159 -5.86 33.11 -14.67
N SER F 160 -4.60 32.70 -14.96
CA SER F 160 -4.25 31.39 -15.52
C SER F 160 -3.13 30.72 -14.74
N GLN F 161 -3.15 29.37 -14.71
CA GLN F 161 -2.14 28.55 -14.02
C GLN F 161 -1.63 27.43 -14.92
N GLU F 162 -0.30 27.32 -15.05
CA GLU F 162 0.37 26.32 -15.89
C GLU F 162 0.95 25.17 -15.06
N SER F 163 1.00 23.97 -15.66
CA SER F 163 1.56 22.77 -15.03
C SER F 163 2.21 21.86 -16.09
N VAL F 164 3.48 21.48 -15.85
CA VAL F 164 4.26 20.64 -16.78
C VAL F 164 4.55 19.27 -16.14
N THR F 165 4.32 18.19 -16.90
CA THR F 165 4.62 16.83 -16.47
C THR F 165 6.12 16.59 -16.65
N GLU F 166 6.69 15.62 -15.92
CA GLU F 166 8.11 15.30 -16.05
C GLU F 166 8.35 14.56 -17.37
N GLN F 167 9.58 14.67 -17.91
CA GLN F 167 10.01 14.05 -19.17
C GLN F 167 9.63 12.57 -19.21
N ASP F 168 8.84 12.18 -20.22
CA ASP F 168 8.34 10.82 -20.42
C ASP F 168 9.49 9.81 -20.54
N SER F 169 9.32 8.66 -19.88
CA SER F 169 10.31 7.57 -19.84
C SER F 169 10.56 6.93 -21.21
N LYS F 170 9.52 6.89 -22.07
CA LYS F 170 9.60 6.28 -23.40
C LYS F 170 9.89 7.25 -24.55
N ASP F 171 9.04 8.29 -24.74
CA ASP F 171 9.21 9.25 -25.83
C ASP F 171 10.03 10.53 -25.54
N ASN F 172 10.48 10.71 -24.28
CA ASN F 172 11.30 11.84 -23.81
C ASN F 172 10.70 13.25 -24.07
N THR F 173 9.36 13.34 -24.08
CA THR F 173 8.64 14.60 -24.32
C THR F 173 8.04 15.16 -23.03
N TYR F 174 7.55 16.42 -23.12
CA TYR F 174 6.89 17.13 -22.03
C TYR F 174 5.46 17.46 -22.45
N SER F 175 4.57 17.62 -21.46
CA SER F 175 3.18 17.99 -21.70
C SER F 175 2.81 19.15 -20.80
N LEU F 176 2.04 20.11 -21.31
CA LEU F 176 1.63 21.30 -20.57
C LEU F 176 0.11 21.44 -20.52
N SER F 177 -0.39 21.86 -19.35
CA SER F 177 -1.81 22.11 -19.10
C SER F 177 -1.95 23.51 -18.49
N SER F 178 -2.69 24.39 -19.17
CA SER F 178 -2.94 25.76 -18.73
C SER F 178 -4.43 25.94 -18.48
N THR F 179 -4.80 26.27 -17.23
CA THR F 179 -6.20 26.45 -16.82
C THR F 179 -6.52 27.92 -16.58
N LEU F 180 -7.45 28.47 -17.38
CA LEU F 180 -7.91 29.86 -17.29
C LEU F 180 -9.17 29.88 -16.42
N THR F 181 -9.06 30.45 -15.21
CA THR F 181 -10.17 30.54 -14.25
C THR F 181 -10.91 31.87 -14.31
N LEU F 182 -12.24 31.80 -14.51
CA LEU F 182 -13.14 32.95 -14.60
C LEU F 182 -14.46 32.65 -13.90
N SER F 183 -15.17 33.70 -13.43
CA SER F 183 -16.48 33.55 -12.80
C SER F 183 -17.56 33.32 -13.87
N LYS F 184 -18.72 32.76 -13.47
CA LYS F 184 -19.85 32.46 -14.36
C LYS F 184 -20.33 33.70 -15.14
N ALA F 185 -20.34 34.87 -14.47
CA ALA F 185 -20.73 36.16 -15.06
C ALA F 185 -19.71 36.63 -16.09
N ASP F 186 -18.40 36.48 -15.79
CA ASP F 186 -17.29 36.87 -16.67
C ASP F 186 -17.24 36.00 -17.93
N TYR F 187 -17.62 34.72 -17.81
CA TYR F 187 -17.64 33.77 -18.92
C TYR F 187 -18.78 34.03 -19.91
N GLU F 188 -20.00 34.28 -19.40
CA GLU F 188 -21.20 34.53 -20.20
C GLU F 188 -21.17 35.85 -20.97
N LYS F 189 -20.43 36.85 -20.46
CA LYS F 189 -20.30 38.18 -21.08
C LYS F 189 -19.39 38.22 -22.33
N HIS F 190 -18.64 37.13 -22.61
CA HIS F 190 -17.74 37.03 -23.75
C HIS F 190 -18.00 35.76 -24.60
N LYS F 191 -17.63 35.80 -25.90
CA LYS F 191 -17.85 34.69 -26.83
C LYS F 191 -16.59 34.00 -27.34
N VAL F 192 -15.55 34.77 -27.72
CA VAL F 192 -14.29 34.23 -28.25
C VAL F 192 -13.26 33.95 -27.14
N TYR F 193 -12.79 32.68 -27.08
CA TYR F 193 -11.79 32.22 -26.11
C TYR F 193 -10.68 31.50 -26.85
N ALA F 194 -9.50 32.15 -26.97
CA ALA F 194 -8.34 31.64 -27.70
C ALA F 194 -7.15 31.28 -26.81
N CYS F 195 -6.36 30.30 -27.27
CA CYS F 195 -5.15 29.80 -26.63
C CYS F 195 -4.00 29.83 -27.64
N GLU F 196 -3.12 30.84 -27.56
CA GLU F 196 -1.97 31.00 -28.45
C GLU F 196 -0.76 30.27 -27.88
N VAL F 197 -0.17 29.34 -28.65
CA VAL F 197 0.98 28.52 -28.26
C VAL F 197 2.21 28.82 -29.12
N THR F 198 3.34 29.16 -28.46
CA THR F 198 4.62 29.44 -29.10
C THR F 198 5.62 28.36 -28.68
N HIS F 199 6.25 27.70 -29.66
CA HIS F 199 7.22 26.62 -29.45
C HIS F 199 8.23 26.53 -30.62
N GLN F 200 9.43 25.99 -30.33
CA GLN F 200 10.55 25.81 -31.27
C GLN F 200 10.18 24.97 -32.50
N GLY F 201 9.37 23.94 -32.30
CA GLY F 201 8.91 23.04 -33.35
C GLY F 201 7.87 23.62 -34.29
N LEU F 202 7.37 24.83 -33.96
CA LEU F 202 6.36 25.53 -34.77
C LEU F 202 6.98 26.72 -35.50
N SER F 203 6.73 26.83 -36.82
CA SER F 203 7.22 27.90 -37.69
C SER F 203 6.59 29.26 -37.35
N SER F 204 5.35 29.23 -36.83
CA SER F 204 4.56 30.39 -36.43
C SER F 204 3.67 30.01 -35.21
N PRO F 205 3.31 30.95 -34.30
CA PRO F 205 2.49 30.55 -33.14
C PRO F 205 1.09 30.05 -33.51
N VAL F 206 0.76 28.82 -33.07
CA VAL F 206 -0.53 28.17 -33.33
C VAL F 206 -1.59 28.60 -32.30
N THR F 207 -2.79 28.95 -32.77
CA THR F 207 -3.89 29.40 -31.91
C THR F 207 -5.11 28.49 -32.05
N LYS F 208 -5.61 27.97 -30.92
CA LYS F 208 -6.79 27.11 -30.87
C LYS F 208 -7.88 27.85 -30.11
N SER F 209 -9.05 28.04 -30.75
CA SER F 209 -10.18 28.78 -30.17
C SER F 209 -11.55 28.11 -30.36
N PHE F 210 -12.56 28.63 -29.64
CA PHE F 210 -13.95 28.18 -29.69
C PHE F 210 -14.92 29.35 -29.46
N ASN F 211 -16.19 29.17 -29.87
CA ASN F 211 -17.25 30.17 -29.66
C ASN F 211 -18.21 29.69 -28.57
N ARG F 212 -18.57 30.59 -27.64
CA ARG F 212 -19.48 30.28 -26.53
C ARG F 212 -20.91 30.03 -27.02
C1 GOL G . 4.23 -6.56 19.12
O1 GOL G . 4.31 -7.58 20.12
C2 GOL G . 3.16 -6.84 18.06
O2 GOL G . 2.05 -7.57 18.59
C3 GOL G . 3.75 -7.59 16.87
O3 GOL G . 2.76 -7.73 15.86
S SO4 H . 17.49 -21.84 10.06
O1 SO4 H . 17.09 -23.09 10.71
O2 SO4 H . 18.86 -21.97 9.54
O3 SO4 H . 16.58 -21.55 8.94
O4 SO4 H . 17.44 -20.74 11.02
S SO4 I . 48.83 12.07 10.60
O1 SO4 I . 48.68 10.78 11.27
O2 SO4 I . 50.25 12.39 10.46
O3 SO4 I . 48.20 12.01 9.28
O4 SO4 I . 48.17 13.11 11.40
S SO4 J . 49.03 6.24 10.32
O1 SO4 J . 49.75 7.42 10.79
O2 SO4 J . 49.98 5.32 9.68
O3 SO4 J . 48.02 6.64 9.34
O4 SO4 J . 48.39 5.56 11.44
S SO4 K . -3.42 -33.41 10.15
O1 SO4 K . -3.07 -34.83 10.12
O2 SO4 K . -2.46 -32.65 9.33
O3 SO4 K . -4.77 -33.23 9.63
O4 SO4 K . -3.35 -32.92 11.54
S SO4 L . -11.24 -38.38 18.48
O1 SO4 L . -11.67 -39.17 19.64
O2 SO4 L . -10.13 -39.06 17.82
O3 SO4 L . -12.35 -38.24 17.53
O4 SO4 L . -10.81 -37.05 18.93
S SO4 M . 28.40 -0.10 8.37
O1 SO4 M . 29.09 -1.36 8.06
O2 SO4 M . 29.29 1.03 8.05
O3 SO4 M . 27.18 0.00 7.59
O4 SO4 M . 28.07 -0.07 9.81
S SO4 N . 23.44 21.82 -22.23
O1 SO4 N . 23.91 20.45 -22.04
O2 SO4 N . 24.58 22.72 -22.40
O3 SO4 N . 22.58 21.89 -23.40
O4 SO4 N . 22.68 22.23 -21.04
S SO4 O . 23.20 19.10 -30.85
O1 SO4 O . 23.46 17.68 -30.99
O2 SO4 O . 23.60 19.81 -32.07
O3 SO4 O . 21.77 19.32 -30.62
O4 SO4 O . 23.98 19.60 -29.72
S SO4 P . 22.99 27.35 -7.18
O1 SO4 P . 23.85 26.31 -7.73
O2 SO4 P . 23.34 28.65 -7.78
O3 SO4 P . 21.58 27.04 -7.47
O4 SO4 P . 23.17 27.42 -5.73
S SO4 Q . 22.71 27.77 -16.09
O1 SO4 Q . 22.18 26.92 -17.15
O2 SO4 Q . 24.18 27.79 -16.15
O3 SO4 Q . 22.21 29.14 -16.24
O4 SO4 Q . 22.29 27.24 -14.79
S SO4 R . 27.50 -0.39 -16.94
O1 SO4 R . 28.48 -0.22 -15.86
O2 SO4 R . 28.03 -1.30 -17.95
O3 SO4 R . 27.21 0.91 -17.57
O4 SO4 R . 26.27 -0.94 -16.40
S SO4 S . 33.21 -0.30 -14.18
O1 SO4 S . 33.64 -1.50 -14.89
O2 SO4 S . 34.05 -0.10 -12.99
O3 SO4 S . 31.81 -0.45 -13.78
O4 SO4 S . 33.34 0.86 -15.07
#